data_6EJN
#
_entry.id   6EJN
#
_cell.length_a   163.301
_cell.length_b   163.301
_cell.length_c   77.123
_cell.angle_alpha   90.000
_cell.angle_beta   90.000
_cell.angle_gamma   120.000
#
_symmetry.space_group_name_H-M   'P 65'
#
loop_
_entity.id
_entity.type
_entity.pdbx_description
1 polymer 'Kinesin light chain 2'
2 polymer 'C-Jun-amino-terminal kinase-interacting protein 3'
#
loop_
_entity_poly.entity_id
_entity_poly.type
_entity_poly.pdbx_seq_one_letter_code
_entity_poly.pdbx_strand_id
1 'polypeptide(L)'
;GRGYEIPARLRTLHNLVIQYASQGRYEVAVPLCKQALEDLEKTSGHDHPDVATMLNILALVYRDQNKYKDAAHLLNDALA
IREKTLGKDHPAVAATLNNLAVLYGKRGKYKEAEPLCKRALEIREKVLGKFHPDVAKQLSNLALLCQNQGKAEEVEYYYR
RALEIYATRLGPDDPNVAKTKNNLASCYLKQGKYQDAETLYKEILTRAHEKEFGSVNGENKPIWMHAEEREESKDKRRDS
APYGEYGSWYKACKVDSPTVNTTLRSLGALYRRQGKLEAAHTLEDCASRSR
;
A,B
2 'polypeptide(L)' GPGGRMGKEVGNLLLENSQLLETKNALNVVKNDLIAKVDQLSGEQEVLKGELEAAKQAKVKLENRIKELEEELKR C,D
#
# COMPACT_ATOMS: atom_id res chain seq x y z
N GLY A 3 -5.72 9.44 -27.07
CA GLY A 3 -5.89 8.01 -26.84
C GLY A 3 -4.76 7.39 -26.06
N TYR A 4 -4.40 8.00 -24.91
CA TYR A 4 -3.32 7.56 -24.03
C TYR A 4 -3.82 7.01 -22.66
N GLU A 5 -4.88 6.18 -22.68
CA GLU A 5 -5.48 5.59 -21.48
C GLU A 5 -4.54 4.61 -20.72
N ILE A 6 -4.19 4.95 -19.47
CA ILE A 6 -3.35 4.11 -18.61
C ILE A 6 -4.22 3.11 -17.85
N PRO A 7 -4.02 1.80 -18.07
CA PRO A 7 -4.86 0.79 -17.41
C PRO A 7 -4.84 0.84 -15.89
N ALA A 8 -5.93 0.33 -15.27
CA ALA A 8 -6.16 0.31 -13.82
C ALA A 8 -4.98 -0.15 -12.98
N ARG A 9 -4.31 -1.23 -13.41
CA ARG A 9 -3.19 -1.81 -12.67
C ARG A 9 -1.97 -0.90 -12.59
N LEU A 10 -1.51 -0.42 -13.73
CA LEU A 10 -0.34 0.42 -13.86
C LEU A 10 -0.48 1.81 -13.21
N ARG A 11 -1.73 2.30 -12.95
CA ARG A 11 -2.03 3.64 -12.41
C ARG A 11 -1.16 4.07 -11.20
N THR A 12 -1.14 3.28 -10.11
CA THR A 12 -0.37 3.60 -8.90
C THR A 12 1.14 3.64 -9.14
N LEU A 13 1.66 2.61 -9.80
CA LEU A 13 3.07 2.48 -10.13
C LEU A 13 3.50 3.61 -11.07
N HIS A 14 2.64 3.96 -12.03
CA HIS A 14 2.86 5.03 -12.98
C HIS A 14 3.06 6.37 -12.27
N ASN A 15 2.19 6.68 -11.30
CA ASN A 15 2.27 7.90 -10.51
C ASN A 15 3.56 7.89 -9.72
N LEU A 16 3.86 6.77 -9.04
CA LEU A 16 5.10 6.57 -8.27
C LEU A 16 6.33 6.81 -9.15
N VAL A 17 6.28 6.39 -10.43
CA VAL A 17 7.38 6.61 -11.38
C VAL A 17 7.57 8.12 -11.60
N ILE A 18 6.49 8.80 -12.00
CA ILE A 18 6.42 10.25 -12.25
C ILE A 18 6.92 11.04 -11.03
N GLN A 19 6.46 10.65 -9.83
CA GLN A 19 6.82 11.20 -8.52
C GLN A 19 8.35 11.14 -8.35
N TYR A 20 8.94 9.93 -8.49
CA TYR A 20 10.39 9.73 -8.35
C TYR A 20 11.19 10.44 -9.43
N ALA A 21 10.68 10.44 -10.67
CA ALA A 21 11.35 11.09 -11.80
C ALA A 21 11.25 12.61 -11.73
N SER A 22 10.31 13.13 -10.92
CA SER A 22 10.15 14.57 -10.73
C SER A 22 11.12 14.99 -9.60
N GLN A 23 11.21 14.20 -8.54
CA GLN A 23 12.14 14.44 -7.44
C GLN A 23 13.60 14.32 -7.94
N GLY A 24 13.77 13.87 -9.19
CA GLY A 24 15.05 13.63 -9.81
C GLY A 24 15.74 12.43 -9.20
N ARG A 25 14.94 11.44 -8.69
CA ARG A 25 15.36 10.15 -8.11
C ARG A 25 15.24 9.10 -9.23
N TYR A 26 16.10 9.33 -10.23
CA TYR A 26 16.20 8.55 -11.45
C TYR A 26 16.64 7.13 -11.15
N GLU A 27 17.51 6.95 -10.15
CA GLU A 27 18.04 5.66 -9.64
C GLU A 27 16.96 4.75 -9.06
N VAL A 28 15.76 5.30 -8.85
CA VAL A 28 14.61 4.63 -8.28
C VAL A 28 13.59 4.47 -9.41
N ALA A 29 13.33 5.54 -10.16
CA ALA A 29 12.36 5.52 -11.22
C ALA A 29 12.65 4.53 -12.36
N VAL A 30 13.88 4.56 -12.87
CA VAL A 30 14.31 3.71 -13.99
C VAL A 30 14.23 2.24 -13.59
N PRO A 31 14.73 1.83 -12.40
CA PRO A 31 14.62 0.43 -12.02
C PRO A 31 13.18 0.00 -11.75
N LEU A 32 12.31 0.88 -11.18
CA LEU A 32 10.90 0.55 -10.97
C LEU A 32 10.27 0.22 -12.34
N CYS A 33 10.48 1.08 -13.34
CA CYS A 33 10.03 0.88 -14.72
C CYS A 33 10.54 -0.45 -15.27
N LYS A 34 11.85 -0.69 -15.15
CA LYS A 34 12.52 -1.89 -15.65
C LYS A 34 11.99 -3.18 -15.00
N GLN A 35 11.75 -3.20 -13.67
CA GLN A 35 11.20 -4.40 -13.01
C GLN A 35 9.78 -4.63 -13.46
N ALA A 36 8.96 -3.55 -13.54
CA ALA A 36 7.56 -3.62 -14.01
C ALA A 36 7.48 -4.19 -15.43
N LEU A 37 8.44 -3.85 -16.31
CA LEU A 37 8.49 -4.39 -17.65
C LEU A 37 8.70 -5.89 -17.66
N GLU A 38 9.61 -6.41 -16.81
CA GLU A 38 9.83 -7.85 -16.68
C GLU A 38 8.60 -8.56 -16.13
N ASP A 39 7.84 -7.89 -15.24
CA ASP A 39 6.64 -8.45 -14.61
C ASP A 39 5.49 -8.49 -15.60
N LEU A 40 5.55 -7.58 -16.58
CA LEU A 40 4.55 -7.47 -17.62
C LEU A 40 4.79 -8.49 -18.70
N GLU A 41 6.06 -8.77 -19.09
CA GLU A 41 6.37 -9.80 -20.11
C GLU A 41 6.18 -11.23 -19.56
N LYS A 42 6.30 -11.41 -18.24
CA LYS A 42 6.13 -12.70 -17.58
C LYS A 42 4.72 -13.21 -17.90
N THR A 43 3.74 -12.34 -17.68
CA THR A 43 2.34 -12.63 -17.85
C THR A 43 1.86 -12.41 -19.27
N SER A 44 2.05 -11.20 -19.76
CA SER A 44 1.48 -10.81 -21.02
C SER A 44 2.27 -11.17 -22.26
N GLY A 45 3.59 -11.06 -22.19
CA GLY A 45 4.48 -11.27 -23.33
C GLY A 45 4.82 -9.92 -23.91
N HIS A 46 6.00 -9.79 -24.55
CA HIS A 46 6.49 -8.51 -25.07
C HIS A 46 5.45 -7.75 -25.85
N ASP A 47 4.86 -8.39 -26.87
CA ASP A 47 3.85 -7.77 -27.72
C ASP A 47 2.50 -7.63 -26.96
N HIS A 48 2.46 -6.65 -26.03
CA HIS A 48 1.26 -6.33 -25.26
C HIS A 48 1.02 -4.82 -25.04
N PRO A 49 -0.26 -4.37 -25.10
CA PRO A 49 -0.60 -2.96 -24.87
C PRO A 49 -0.05 -2.39 -23.55
N ASP A 50 0.05 -3.22 -22.50
CA ASP A 50 0.61 -2.83 -21.21
C ASP A 50 2.11 -2.69 -21.25
N VAL A 51 2.84 -3.55 -22.00
CA VAL A 51 4.31 -3.45 -22.16
C VAL A 51 4.59 -2.15 -22.93
N ALA A 52 3.74 -1.88 -23.97
CA ALA A 52 3.81 -0.67 -24.79
C ALA A 52 3.63 0.58 -23.91
N THR A 53 2.61 0.58 -23.03
CA THR A 53 2.32 1.63 -22.06
C THR A 53 3.53 1.83 -21.15
N MET A 54 4.00 0.76 -20.50
CA MET A 54 5.18 0.77 -19.63
C MET A 54 6.46 1.25 -20.31
N LEU A 55 6.68 0.92 -21.60
CA LEU A 55 7.85 1.40 -22.37
C LEU A 55 7.77 2.89 -22.66
N ASN A 56 6.54 3.41 -22.96
CA ASN A 56 6.30 4.83 -23.27
C ASN A 56 6.65 5.68 -22.03
N ILE A 57 6.24 5.22 -20.84
CA ILE A 57 6.54 5.86 -19.55
C ILE A 57 8.03 5.98 -19.35
N LEU A 58 8.80 4.87 -19.50
CA LEU A 58 10.25 4.84 -19.34
C LEU A 58 10.97 5.78 -20.30
N ALA A 59 10.58 5.78 -21.57
CA ALA A 59 11.08 6.69 -22.59
C ALA A 59 10.88 8.16 -22.17
N LEU A 60 9.80 8.48 -21.42
CA LEU A 60 9.59 9.85 -20.98
C LEU A 60 10.47 10.16 -19.78
N VAL A 61 10.87 9.13 -19.05
CA VAL A 61 11.83 9.24 -17.94
C VAL A 61 13.24 9.42 -18.54
N TYR A 62 13.54 8.75 -19.66
CA TYR A 62 14.81 8.89 -20.37
C TYR A 62 14.87 10.26 -21.09
N ARG A 63 13.69 10.85 -21.49
CA ARG A 63 13.57 12.19 -22.07
C ARG A 63 14.04 13.16 -20.95
N ASP A 64 13.42 13.11 -19.74
CA ASP A 64 13.82 13.94 -18.59
C ASP A 64 15.31 13.91 -18.24
N GLN A 65 15.97 12.75 -18.44
CA GLN A 65 17.40 12.52 -18.16
C GLN A 65 18.30 13.07 -19.27
N ASN A 66 17.72 13.20 -20.45
CA ASN A 66 18.30 13.66 -21.70
C ASN A 66 19.04 12.51 -22.36
N LYS A 67 18.53 11.26 -22.12
CA LYS A 67 18.94 9.99 -22.77
C LYS A 67 17.99 9.91 -23.99
N TYR A 68 18.21 10.84 -24.92
CA TYR A 68 17.36 11.05 -26.08
C TYR A 68 17.41 9.88 -27.03
N LYS A 69 18.56 9.23 -27.27
CA LYS A 69 18.63 8.08 -28.18
C LYS A 69 17.89 6.88 -27.59
N ASP A 70 18.01 6.68 -26.26
CA ASP A 70 17.32 5.61 -25.52
C ASP A 70 15.80 5.85 -25.61
N ALA A 71 15.36 7.08 -25.30
CA ALA A 71 13.97 7.49 -25.34
C ALA A 71 13.38 7.25 -26.72
N ALA A 72 14.12 7.64 -27.81
CA ALA A 72 13.67 7.41 -29.19
C ALA A 72 13.49 5.93 -29.46
N HIS A 73 14.49 5.08 -29.12
CA HIS A 73 14.46 3.63 -29.36
C HIS A 73 13.28 2.95 -28.65
N LEU A 74 13.10 3.32 -27.39
CA LEU A 74 12.04 2.81 -26.52
C LEU A 74 10.65 3.11 -27.10
N LEU A 75 10.48 4.32 -27.64
CA LEU A 75 9.23 4.74 -28.27
C LEU A 75 9.01 4.03 -29.60
N ASN A 76 10.10 3.66 -30.32
CA ASN A 76 9.96 2.95 -31.59
C ASN A 76 9.46 1.55 -31.30
N ASP A 77 10.03 0.89 -30.28
CA ASP A 77 9.61 -0.43 -29.80
C ASP A 77 8.13 -0.43 -29.35
N ALA A 78 7.72 0.63 -28.62
CA ALA A 78 6.35 0.81 -28.12
C ALA A 78 5.34 0.93 -29.27
N LEU A 79 5.69 1.69 -30.34
CA LEU A 79 4.86 1.91 -31.52
C LEU A 79 4.77 0.62 -32.32
N ALA A 80 5.83 -0.18 -32.27
CA ALA A 80 5.88 -1.43 -32.97
C ALA A 80 4.90 -2.41 -32.36
N ILE A 81 4.79 -2.42 -31.00
CA ILE A 81 3.88 -3.29 -30.24
C ILE A 81 2.43 -2.90 -30.53
N ARG A 82 2.19 -1.57 -30.48
CA ARG A 82 0.90 -0.93 -30.67
C ARG A 82 0.36 -1.13 -32.07
N GLU A 83 1.23 -1.20 -33.09
CA GLU A 83 0.83 -1.49 -34.45
C GLU A 83 0.37 -2.96 -34.60
N LYS A 84 1.01 -3.92 -33.88
CA LYS A 84 0.60 -5.33 -33.96
C LYS A 84 -0.71 -5.50 -33.18
N THR A 85 -0.59 -5.33 -31.85
CA THR A 85 -1.65 -5.53 -30.86
C THR A 85 -2.88 -4.67 -31.10
N LEU A 86 -2.68 -3.37 -31.25
CA LEU A 86 -3.83 -2.52 -31.43
C LEU A 86 -4.14 -2.26 -32.89
N GLY A 87 -3.22 -2.62 -33.77
CA GLY A 87 -3.38 -2.37 -35.20
C GLY A 87 -2.96 -0.97 -35.58
N LYS A 88 -2.57 -0.79 -36.86
CA LYS A 88 -2.19 0.52 -37.40
C LYS A 88 -3.46 1.35 -37.46
N ASP A 89 -3.31 2.67 -37.44
CA ASP A 89 -4.48 3.56 -37.47
C ASP A 89 -5.32 3.46 -36.16
N HIS A 90 -4.63 3.26 -35.01
CA HIS A 90 -5.22 3.21 -33.67
C HIS A 90 -4.83 4.47 -32.90
N PRO A 91 -5.70 5.01 -32.01
CA PRO A 91 -5.36 6.24 -31.24
C PRO A 91 -4.10 6.14 -30.43
N ALA A 92 -3.83 4.94 -29.85
CA ALA A 92 -2.63 4.66 -29.07
C ALA A 92 -1.44 4.80 -30.01
N VAL A 93 -1.54 4.27 -31.26
CA VAL A 93 -0.49 4.37 -32.28
C VAL A 93 -0.26 5.84 -32.63
N ALA A 94 -1.35 6.65 -32.72
CA ALA A 94 -1.29 8.09 -33.01
C ALA A 94 -0.56 8.83 -31.87
N ALA A 95 -0.94 8.54 -30.61
CA ALA A 95 -0.35 9.10 -29.40
C ALA A 95 1.17 8.92 -29.33
N THR A 96 1.67 7.71 -29.69
CA THR A 96 3.09 7.34 -29.72
C THR A 96 3.84 8.12 -30.81
N LEU A 97 3.24 8.22 -32.01
CA LEU A 97 3.86 8.96 -33.10
C LEU A 97 4.02 10.43 -32.71
N ASN A 98 2.99 11.03 -32.03
CA ASN A 98 3.04 12.41 -31.56
C ASN A 98 4.17 12.53 -30.55
N ASN A 99 4.24 11.55 -29.61
CA ASN A 99 5.27 11.49 -28.57
C ASN A 99 6.69 11.46 -29.17
N LEU A 100 6.90 10.63 -30.21
CA LEU A 100 8.15 10.47 -30.97
C LEU A 100 8.52 11.79 -31.73
N ALA A 101 7.51 12.45 -32.32
CA ALA A 101 7.64 13.72 -33.00
C ALA A 101 8.02 14.85 -32.03
N VAL A 102 7.46 14.81 -30.78
CA VAL A 102 7.78 15.79 -29.73
C VAL A 102 9.23 15.59 -29.30
N LEU A 103 9.69 14.33 -29.27
CA LEU A 103 11.09 14.06 -28.91
C LEU A 103 12.05 14.54 -29.98
N TYR A 104 11.65 14.45 -31.25
CA TYR A 104 12.48 14.87 -32.37
C TYR A 104 12.57 16.39 -32.48
N GLY A 105 11.45 17.09 -32.33
CA GLY A 105 11.35 18.55 -32.32
C GLY A 105 12.22 19.14 -31.23
N LYS A 106 12.21 18.53 -30.03
CA LYS A 106 13.06 18.96 -28.91
C LYS A 106 14.56 19.01 -29.27
N ARG A 107 15.02 18.01 -30.03
CA ARG A 107 16.40 17.90 -30.49
C ARG A 107 16.66 18.72 -31.78
N GLY A 108 15.62 19.44 -32.23
CA GLY A 108 15.65 20.27 -33.42
C GLY A 108 15.52 19.51 -34.73
N LYS A 109 15.14 18.20 -34.68
CA LYS A 109 14.95 17.33 -35.86
C LYS A 109 13.53 17.52 -36.39
N TYR A 110 13.19 18.80 -36.73
CA TYR A 110 11.88 19.25 -37.19
C TYR A 110 11.39 18.56 -38.41
N LYS A 111 12.29 18.29 -39.37
CA LYS A 111 11.93 17.62 -40.61
C LYS A 111 11.60 16.15 -40.36
N GLU A 112 12.36 15.51 -39.46
CA GLU A 112 12.19 14.13 -39.05
C GLU A 112 10.84 13.98 -38.30
N ALA A 113 10.49 14.97 -37.47
CA ALA A 113 9.24 14.95 -36.71
C ALA A 113 8.05 15.22 -37.60
N GLU A 114 8.26 15.79 -38.81
CA GLU A 114 7.18 16.20 -39.71
C GLU A 114 6.35 15.05 -40.25
N PRO A 115 6.94 13.91 -40.70
CA PRO A 115 6.15 12.80 -41.25
C PRO A 115 5.34 12.13 -40.16
N LEU A 116 5.97 11.88 -38.98
CA LEU A 116 5.32 11.29 -37.80
C LEU A 116 4.03 12.06 -37.47
N CYS A 117 4.14 13.39 -37.36
CA CYS A 117 3.02 14.26 -37.06
C CYS A 117 1.90 14.13 -38.13
N LYS A 118 2.32 14.11 -39.40
CA LYS A 118 1.46 13.94 -40.58
C LYS A 118 0.73 12.59 -40.54
N ARG A 119 1.41 11.46 -40.18
CA ARG A 119 0.80 10.12 -40.05
C ARG A 119 -0.24 10.12 -38.95
N ALA A 120 0.09 10.71 -37.78
CA ALA A 120 -0.83 10.80 -36.64
C ALA A 120 -2.09 11.60 -37.00
N LEU A 121 -1.96 12.77 -37.70
CA LEU A 121 -3.10 13.58 -38.16
C LEU A 121 -3.98 12.76 -39.10
N GLU A 122 -3.37 11.89 -39.91
CA GLU A 122 -4.07 11.01 -40.84
C GLU A 122 -4.88 9.96 -40.07
N ILE A 123 -4.34 9.46 -38.95
CA ILE A 123 -4.97 8.48 -38.05
C ILE A 123 -6.14 9.15 -37.29
N ARG A 124 -5.93 10.41 -36.86
CA ARG A 124 -6.89 11.22 -36.14
C ARG A 124 -8.12 11.49 -37.02
N GLU A 125 -7.89 11.93 -38.26
CA GLU A 125 -8.95 12.19 -39.25
C GLU A 125 -9.82 10.96 -39.52
N LYS A 126 -9.19 9.76 -39.58
CA LYS A 126 -9.91 8.52 -39.87
C LYS A 126 -10.85 8.14 -38.74
N VAL A 127 -10.40 8.28 -37.51
CA VAL A 127 -11.19 7.84 -36.37
C VAL A 127 -12.17 8.90 -35.91
N LEU A 128 -11.73 10.14 -35.86
CA LEU A 128 -12.55 11.20 -35.32
C LEU A 128 -13.42 11.87 -36.34
N GLY A 129 -12.94 11.97 -37.56
CA GLY A 129 -13.63 12.66 -38.63
C GLY A 129 -12.79 13.84 -39.04
N LYS A 130 -12.86 14.27 -40.31
CA LYS A 130 -12.03 15.36 -40.83
C LYS A 130 -12.16 16.68 -40.06
N PHE A 131 -13.37 17.02 -39.62
CA PHE A 131 -13.62 18.27 -38.93
C PHE A 131 -13.76 18.10 -37.44
N HIS A 132 -13.02 17.16 -36.87
CA HIS A 132 -13.08 17.00 -35.43
C HIS A 132 -12.19 18.05 -34.70
N PRO A 133 -12.58 18.59 -33.52
CA PRO A 133 -11.70 19.53 -32.78
C PRO A 133 -10.28 19.01 -32.44
N ASP A 134 -10.11 17.70 -32.26
CA ASP A 134 -8.80 17.12 -32.02
C ASP A 134 -7.96 17.12 -33.30
N VAL A 135 -8.60 17.01 -34.49
CA VAL A 135 -7.93 17.12 -35.79
C VAL A 135 -7.40 18.57 -35.93
N ALA A 136 -8.17 19.54 -35.42
CA ALA A 136 -7.77 20.95 -35.40
C ALA A 136 -6.53 21.16 -34.49
N LYS A 137 -6.51 20.52 -33.30
CA LYS A 137 -5.37 20.58 -32.36
C LYS A 137 -4.13 19.98 -33.02
N GLN A 138 -4.31 18.93 -33.84
CA GLN A 138 -3.21 18.30 -34.58
C GLN A 138 -2.72 19.22 -35.69
N LEU A 139 -3.64 19.81 -36.48
CA LEU A 139 -3.26 20.75 -37.56
C LEU A 139 -2.45 21.92 -37.03
N SER A 140 -2.82 22.41 -35.82
CA SER A 140 -2.13 23.51 -35.10
C SER A 140 -0.69 23.09 -34.75
N ASN A 141 -0.55 21.86 -34.22
CA ASN A 141 0.76 21.27 -33.85
C ASN A 141 1.66 21.08 -35.06
N LEU A 142 1.09 20.59 -36.18
CA LEU A 142 1.78 20.45 -37.48
C LEU A 142 2.16 21.82 -38.05
N ALA A 143 1.34 22.87 -37.78
CA ALA A 143 1.70 24.24 -38.20
C ALA A 143 2.95 24.77 -37.47
N LEU A 144 3.08 24.47 -36.14
CA LEU A 144 4.24 24.84 -35.30
C LEU A 144 5.45 24.18 -35.83
N LEU A 145 5.34 22.90 -36.22
CA LEU A 145 6.43 22.15 -36.84
C LEU A 145 6.99 22.84 -38.09
N CYS A 146 6.11 23.41 -38.94
CA CYS A 146 6.50 24.11 -40.17
C CYS A 146 7.07 25.51 -39.90
N GLN A 147 6.46 26.22 -38.91
CA GLN A 147 6.88 27.53 -38.41
C GLN A 147 8.37 27.37 -37.99
N ASN A 148 8.70 26.31 -37.23
CA ASN A 148 10.10 26.04 -36.86
C ASN A 148 11.02 25.79 -38.06
N GLN A 149 10.50 25.22 -39.16
CA GLN A 149 11.27 25.01 -40.40
C GLN A 149 11.24 26.26 -41.31
N GLY A 150 10.44 27.26 -40.96
CA GLY A 150 10.25 28.47 -41.73
C GLY A 150 9.52 28.22 -43.03
N LYS A 151 8.55 27.28 -43.03
CA LYS A 151 7.71 26.91 -44.20
C LYS A 151 6.38 27.72 -44.12
N ALA A 152 6.53 29.06 -44.26
CA ALA A 152 5.53 30.11 -44.13
C ALA A 152 4.19 29.78 -44.73
N GLU A 153 4.15 29.35 -46.00
CA GLU A 153 2.94 28.94 -46.72
C GLU A 153 2.23 27.77 -46.00
N GLU A 154 3.02 26.72 -45.60
CA GLU A 154 2.53 25.53 -44.91
C GLU A 154 1.85 25.86 -43.60
N VAL A 155 2.47 26.79 -42.83
CA VAL A 155 1.95 27.30 -41.55
C VAL A 155 0.57 27.90 -41.75
N GLU A 156 0.39 28.68 -42.85
CA GLU A 156 -0.85 29.37 -43.20
C GLU A 156 -1.92 28.39 -43.56
N TYR A 157 -1.57 27.31 -44.28
CA TYR A 157 -2.50 26.28 -44.70
C TYR A 157 -3.00 25.54 -43.48
N TYR A 158 -2.06 25.09 -42.63
CA TYR A 158 -2.43 24.31 -41.47
C TYR A 158 -3.29 25.09 -40.48
N TYR A 159 -2.97 26.38 -40.25
CA TYR A 159 -3.71 27.23 -39.30
C TYR A 159 -5.03 27.62 -39.87
N ARG A 160 -5.12 27.65 -41.21
CA ARG A 160 -6.35 27.98 -41.93
C ARG A 160 -7.32 26.82 -41.78
N ARG A 161 -6.82 25.55 -41.95
CA ARG A 161 -7.60 24.32 -41.76
C ARG A 161 -8.10 24.22 -40.32
N ALA A 162 -7.21 24.53 -39.34
CA ALA A 162 -7.49 24.45 -37.90
C ALA A 162 -8.63 25.39 -37.51
N LEU A 163 -8.56 26.64 -38.03
CA LEU A 163 -9.53 27.71 -37.79
C LEU A 163 -10.89 27.33 -38.35
N GLU A 164 -10.88 26.65 -39.53
CA GLU A 164 -12.10 26.17 -40.17
C GLU A 164 -12.82 25.27 -39.19
N ILE A 165 -12.10 24.28 -38.59
CA ILE A 165 -12.65 23.37 -37.60
C ILE A 165 -13.10 24.13 -36.35
N TYR A 166 -12.20 24.93 -35.78
CA TYR A 166 -12.52 25.66 -34.54
C TYR A 166 -13.76 26.53 -34.66
N ALA A 167 -13.76 27.45 -35.61
CA ALA A 167 -14.84 28.39 -35.80
C ALA A 167 -16.20 27.79 -36.11
N THR A 168 -16.23 26.68 -36.86
CA THR A 168 -17.52 26.12 -37.22
C THR A 168 -17.98 25.12 -36.17
N ARG A 169 -17.08 24.19 -35.77
CA ARG A 169 -17.41 23.15 -34.79
C ARG A 169 -17.64 23.69 -33.40
N LEU A 170 -16.82 24.64 -32.95
CA LEU A 170 -16.98 25.29 -31.64
C LEU A 170 -17.56 26.70 -31.81
N GLY A 171 -17.88 27.36 -30.70
CA GLY A 171 -18.44 28.71 -30.72
C GLY A 171 -17.48 29.78 -31.22
N PRO A 172 -17.99 31.01 -31.53
CA PRO A 172 -17.06 32.09 -31.91
C PRO A 172 -16.30 32.62 -30.69
N ASP A 173 -16.97 32.63 -29.51
CA ASP A 173 -16.40 33.05 -28.24
C ASP A 173 -15.28 32.15 -27.72
N ASP A 174 -15.18 30.89 -28.22
CA ASP A 174 -14.11 29.96 -27.87
C ASP A 174 -12.73 30.62 -27.99
N PRO A 175 -11.88 30.35 -26.95
CA PRO A 175 -10.52 30.95 -26.94
C PRO A 175 -9.59 30.34 -27.97
N ASN A 176 -9.86 29.08 -28.37
CA ASN A 176 -9.11 28.33 -29.37
C ASN A 176 -9.19 29.05 -30.71
N VAL A 177 -10.37 29.63 -31.03
CA VAL A 177 -10.64 30.41 -32.25
C VAL A 177 -9.77 31.69 -32.27
N ALA A 178 -9.76 32.44 -31.15
CA ALA A 178 -8.99 33.68 -31.03
C ALA A 178 -7.50 33.39 -31.07
N LYS A 179 -7.09 32.28 -30.45
CA LYS A 179 -5.70 31.82 -30.41
C LYS A 179 -5.19 31.54 -31.82
N THR A 180 -6.01 30.83 -32.64
CA THR A 180 -5.70 30.49 -34.03
C THR A 180 -5.63 31.74 -34.89
N LYS A 181 -6.66 32.61 -34.83
CA LYS A 181 -6.69 33.88 -35.57
C LYS A 181 -5.48 34.78 -35.26
N ASN A 182 -4.94 34.72 -34.02
CA ASN A 182 -3.76 35.50 -33.64
C ASN A 182 -2.47 34.91 -34.22
N ASN A 183 -2.35 33.56 -34.17
CA ASN A 183 -1.25 32.74 -34.73
C ASN A 183 -1.18 32.86 -36.27
N LEU A 184 -2.35 32.74 -36.97
CA LEU A 184 -2.51 32.89 -38.43
C LEU A 184 -2.17 34.33 -38.87
N ALA A 185 -2.64 35.34 -38.10
CA ALA A 185 -2.34 36.76 -38.39
C ALA A 185 -0.85 37.01 -38.32
N SER A 186 -0.19 36.40 -37.33
CA SER A 186 1.26 36.47 -37.16
C SER A 186 2.01 35.92 -38.39
N CYS A 187 1.51 34.78 -38.93
CA CYS A 187 2.03 34.08 -40.11
C CYS A 187 1.88 34.97 -41.34
N TYR A 188 0.77 35.77 -41.37
CA TYR A 188 0.47 36.69 -42.44
C TYR A 188 1.46 37.82 -42.44
N LEU A 189 1.73 38.38 -41.23
CA LEU A 189 2.65 39.48 -40.99
C LEU A 189 4.04 39.09 -41.48
N LYS A 190 4.43 37.80 -41.30
CA LYS A 190 5.72 37.29 -41.81
C LYS A 190 5.75 37.26 -43.34
N GLN A 191 4.60 36.98 -43.97
CA GLN A 191 4.49 36.92 -45.42
C GLN A 191 4.36 38.32 -46.03
N GLY A 192 4.02 39.29 -45.20
CA GLY A 192 3.77 40.64 -45.63
C GLY A 192 2.32 40.83 -46.03
N LYS A 193 1.40 39.92 -45.59
CA LYS A 193 -0.06 39.97 -45.85
C LYS A 193 -0.67 40.77 -44.69
N TYR A 194 -0.29 42.07 -44.66
CA TYR A 194 -0.63 43.05 -43.63
C TYR A 194 -2.11 43.25 -43.51
N GLN A 195 -2.81 43.50 -44.64
CA GLN A 195 -4.25 43.72 -44.60
C GLN A 195 -5.00 42.48 -44.09
N ASP A 196 -4.49 41.27 -44.42
CA ASP A 196 -5.11 40.00 -44.00
C ASP A 196 -5.06 39.85 -42.46
N ALA A 197 -3.88 40.16 -41.88
CA ALA A 197 -3.66 40.08 -40.43
C ALA A 197 -4.48 41.13 -39.67
N GLU A 198 -4.65 42.30 -40.28
CA GLU A 198 -5.38 43.45 -39.75
C GLU A 198 -6.86 43.12 -39.59
N THR A 199 -7.42 42.45 -40.60
CA THR A 199 -8.80 42.05 -40.68
C THR A 199 -9.01 40.99 -39.62
N LEU A 200 -8.03 40.09 -39.45
CA LEU A 200 -8.11 39.00 -38.47
C LEU A 200 -8.22 39.55 -37.04
N TYR A 201 -7.41 40.58 -36.76
CA TYR A 201 -7.31 41.24 -35.46
C TYR A 201 -8.63 41.91 -35.13
N LYS A 202 -9.20 42.60 -36.13
CA LYS A 202 -10.46 43.32 -36.07
C LYS A 202 -11.57 42.36 -35.76
N GLU A 203 -11.58 41.18 -36.41
CA GLU A 203 -12.57 40.13 -36.19
C GLU A 203 -12.59 39.75 -34.70
N ILE A 204 -11.39 39.52 -34.13
CA ILE A 204 -11.20 39.14 -32.72
C ILE A 204 -11.81 40.17 -31.79
N LEU A 205 -11.40 41.44 -31.98
CA LEU A 205 -11.84 42.57 -31.19
C LEU A 205 -13.33 42.77 -31.24
N THR A 206 -13.90 42.64 -32.45
CA THR A 206 -15.33 42.79 -32.71
C THR A 206 -16.18 41.73 -32.03
N ARG A 207 -15.71 40.46 -31.94
CA ARG A 207 -16.52 39.42 -31.27
C ARG A 207 -16.50 39.65 -29.76
N ALA A 208 -15.30 39.97 -29.23
CA ALA A 208 -15.05 40.30 -27.83
C ALA A 208 -16.03 41.41 -27.37
N HIS A 209 -16.06 42.52 -28.11
CA HIS A 209 -16.92 43.68 -27.88
C HIS A 209 -18.40 43.29 -27.91
N GLU A 210 -18.80 42.46 -28.88
CA GLU A 210 -20.18 41.99 -29.04
C GLU A 210 -20.65 41.13 -27.88
N LYS A 211 -19.79 40.23 -27.36
CA LYS A 211 -20.14 39.37 -26.21
C LYS A 211 -20.39 40.23 -24.96
N GLU A 212 -19.59 41.30 -24.79
CA GLU A 212 -19.72 42.21 -23.68
C GLU A 212 -20.92 43.12 -23.82
N PHE A 213 -21.09 43.76 -24.97
CA PHE A 213 -22.16 44.75 -25.06
C PHE A 213 -23.10 44.57 -26.23
N GLY A 214 -23.63 43.36 -26.37
CA GLY A 214 -24.57 42.99 -27.43
C GLY A 214 -24.11 43.31 -28.85
N SER A 215 -25.07 43.37 -29.78
CA SER A 215 -24.80 43.67 -31.18
C SER A 215 -24.27 45.09 -31.38
N VAL A 216 -23.36 45.27 -32.34
CA VAL A 216 -22.77 46.57 -32.68
C VAL A 216 -23.79 47.40 -33.47
N ASN A 217 -24.18 48.55 -32.91
CA ASN A 217 -25.12 49.50 -33.51
C ASN A 217 -24.40 50.87 -33.70
N GLY A 218 -25.16 51.96 -33.89
CA GLY A 218 -24.63 53.31 -34.07
C GLY A 218 -23.72 53.75 -32.94
N GLU A 219 -24.24 53.70 -31.71
CA GLU A 219 -23.44 53.96 -30.52
C GLU A 219 -22.97 52.55 -30.19
N ASN A 220 -22.02 52.35 -29.26
CA ASN A 220 -21.54 50.98 -29.01
C ASN A 220 -20.82 50.43 -30.28
N LYS A 221 -19.91 51.26 -30.81
CA LYS A 221 -19.01 50.87 -31.89
C LYS A 221 -17.84 50.14 -31.19
N PRO A 222 -17.13 49.17 -31.86
CA PRO A 222 -15.97 48.52 -31.21
C PRO A 222 -14.81 49.46 -30.92
N ILE A 223 -13.80 48.92 -30.27
CA ILE A 223 -12.59 49.59 -29.77
C ILE A 223 -11.76 50.16 -30.90
N TRP A 224 -11.53 49.37 -31.97
CA TRP A 224 -10.76 49.76 -33.17
C TRP A 224 -11.45 50.88 -33.93
N MET A 225 -12.76 50.69 -34.21
CA MET A 225 -13.62 51.63 -34.93
C MET A 225 -13.69 52.99 -34.24
N HIS A 226 -13.46 53.00 -32.91
CA HIS A 226 -13.44 54.21 -32.10
C HIS A 226 -12.13 55.00 -32.34
N ALA A 227 -10.99 54.25 -32.48
CA ALA A 227 -9.65 54.78 -32.76
C ALA A 227 -9.49 55.22 -34.22
N GLU A 228 -10.01 54.43 -35.20
CA GLU A 228 -9.96 54.83 -36.60
C GLU A 228 -10.75 56.14 -36.83
N GLU A 229 -11.87 56.37 -36.08
CA GLU A 229 -12.67 57.61 -36.14
C GLU A 229 -11.91 58.75 -35.43
N ARG A 230 -11.14 58.40 -34.37
CA ARG A 230 -10.31 59.30 -33.57
C ARG A 230 -9.18 59.90 -34.44
N GLU A 231 -8.73 59.16 -35.48
CA GLU A 231 -7.70 59.58 -36.44
C GLU A 231 -8.18 60.71 -37.37
N GLU A 232 -9.49 60.93 -37.47
CA GLU A 232 -10.05 61.98 -38.34
C GLU A 232 -10.05 63.35 -37.65
N SER A 233 -10.21 63.36 -36.30
CA SER A 233 -10.15 64.54 -35.44
C SER A 233 -8.69 64.87 -35.08
N TYR A 250 -16.27 58.95 -24.99
CA TYR A 250 -15.58 58.11 -24.01
C TYR A 250 -15.22 56.73 -24.58
N LYS A 251 -14.61 55.87 -23.73
CA LYS A 251 -14.19 54.50 -24.08
C LYS A 251 -14.59 53.46 -23.03
N ALA A 252 -15.29 52.42 -23.51
CA ALA A 252 -15.74 51.28 -22.73
C ALA A 252 -15.15 50.03 -23.39
N CYS A 253 -13.99 49.58 -22.88
CA CYS A 253 -13.28 48.41 -23.37
C CYS A 253 -12.89 47.45 -22.24
N LYS A 254 -13.23 46.16 -22.43
CA LYS A 254 -12.98 45.14 -21.42
C LYS A 254 -11.75 44.29 -21.72
N VAL A 255 -10.77 44.38 -20.79
CA VAL A 255 -9.49 43.64 -20.78
C VAL A 255 -9.82 42.32 -20.04
N ASP A 256 -10.51 41.41 -20.76
CA ASP A 256 -10.98 40.14 -20.21
C ASP A 256 -9.93 39.05 -20.34
N SER A 257 -9.37 38.92 -21.55
CA SER A 257 -8.43 37.87 -21.89
C SER A 257 -7.02 38.34 -22.21
N PRO A 258 -5.99 37.50 -21.89
CA PRO A 258 -4.62 37.82 -22.32
C PRO A 258 -4.48 37.78 -23.85
N THR A 259 -5.28 36.90 -24.52
CA THR A 259 -5.39 36.70 -25.97
C THR A 259 -5.92 37.98 -26.59
N VAL A 260 -6.88 38.66 -25.92
CA VAL A 260 -7.48 39.90 -26.39
C VAL A 260 -6.48 41.09 -26.28
N ASN A 261 -5.50 41.01 -25.33
CA ASN A 261 -4.46 42.03 -25.15
C ASN A 261 -3.44 41.92 -26.29
N THR A 262 -2.97 40.68 -26.58
CA THR A 262 -2.03 40.37 -27.67
C THR A 262 -2.60 41.02 -28.95
N THR A 263 -3.93 40.83 -29.20
CA THR A 263 -4.66 41.38 -30.35
C THR A 263 -4.62 42.90 -30.36
N LEU A 264 -4.94 43.53 -29.22
CA LEU A 264 -4.95 44.99 -29.07
C LEU A 264 -3.57 45.58 -29.35
N ARG A 265 -2.51 44.98 -28.74
CA ARG A 265 -1.11 45.40 -28.90
C ARG A 265 -0.68 45.25 -30.35
N SER A 266 -0.98 44.06 -30.93
CA SER A 266 -0.68 43.74 -32.32
C SER A 266 -1.26 44.76 -33.29
N LEU A 267 -2.60 44.91 -33.30
CA LEU A 267 -3.31 45.82 -34.20
C LEU A 267 -2.88 47.26 -34.00
N GLY A 268 -2.53 47.61 -32.75
CA GLY A 268 -2.03 48.94 -32.42
C GLY A 268 -0.77 49.22 -33.22
N ALA A 269 0.25 48.35 -33.05
CA ALA A 269 1.54 48.42 -33.75
C ALA A 269 1.34 48.50 -35.28
N LEU A 270 0.34 47.74 -35.79
CA LEU A 270 -0.06 47.66 -37.17
C LEU A 270 -0.60 49.01 -37.65
N TYR A 271 -1.31 49.77 -36.77
CA TYR A 271 -1.81 51.13 -37.09
C TYR A 271 -0.62 52.09 -37.10
N ARG A 272 0.41 51.85 -36.23
CA ARG A 272 1.63 52.66 -36.22
C ARG A 272 2.35 52.54 -37.57
N ARG A 273 2.28 51.36 -38.22
CA ARG A 273 2.87 51.11 -39.53
C ARG A 273 2.07 51.81 -40.61
N GLN A 274 0.73 51.91 -40.44
CA GLN A 274 -0.19 52.53 -41.39
C GLN A 274 -0.09 54.07 -41.36
N GLY A 275 0.41 54.59 -40.22
CA GLY A 275 0.55 56.01 -39.92
C GLY A 275 -0.52 56.50 -38.95
N LYS A 276 -1.63 55.73 -38.76
CA LYS A 276 -2.79 56.03 -37.90
C LYS A 276 -2.30 55.88 -36.47
N LEU A 277 -1.60 56.91 -36.02
CA LEU A 277 -0.93 56.91 -34.75
C LEU A 277 -1.87 57.02 -33.57
N GLU A 278 -2.86 57.93 -33.65
CA GLU A 278 -3.85 58.10 -32.57
C GLU A 278 -4.60 56.77 -32.34
N ALA A 279 -4.85 56.04 -33.45
CA ALA A 279 -5.47 54.72 -33.43
C ALA A 279 -4.56 53.69 -32.73
N ALA A 280 -3.24 53.76 -33.01
CA ALA A 280 -2.23 52.89 -32.40
C ALA A 280 -2.16 53.18 -30.90
N HIS A 281 -2.26 54.46 -30.53
CA HIS A 281 -2.20 54.99 -29.18
C HIS A 281 -3.37 54.49 -28.31
N THR A 282 -4.61 54.78 -28.73
CA THR A 282 -5.81 54.38 -28.00
C THR A 282 -5.89 52.88 -27.83
N LEU A 283 -5.44 52.13 -28.87
CA LEU A 283 -5.43 50.67 -28.80
C LEU A 283 -4.38 50.18 -27.80
N GLU A 284 -3.20 50.84 -27.78
CA GLU A 284 -2.12 50.57 -26.83
C GLU A 284 -2.60 50.83 -25.39
N ASP A 285 -3.31 51.97 -25.19
CA ASP A 285 -3.87 52.43 -23.91
C ASP A 285 -4.91 51.46 -23.37
N CYS A 286 -5.87 51.04 -24.22
CA CYS A 286 -6.89 50.07 -23.82
C CYS A 286 -6.19 48.78 -23.38
N ALA A 287 -5.15 48.34 -24.12
CA ALA A 287 -4.35 47.16 -23.79
C ALA A 287 -3.61 47.36 -22.47
N SER A 288 -3.09 48.58 -22.23
CA SER A 288 -2.42 48.95 -20.98
C SER A 288 -3.42 48.82 -19.80
N ARG A 289 -4.68 49.27 -20.01
CA ARG A 289 -5.76 49.22 -19.02
C ARG A 289 -6.30 47.79 -18.78
N GLU B 5 2.81 -3.99 21.92
CA GLU B 5 4.13 -4.52 22.31
C GLU B 5 5.20 -4.26 21.24
N ILE B 6 4.75 -3.92 20.01
CA ILE B 6 5.57 -3.62 18.82
C ILE B 6 5.57 -2.11 18.59
N PRO B 7 6.74 -1.46 18.36
CA PRO B 7 6.75 0.00 18.09
C PRO B 7 5.94 0.42 16.87
N ALA B 8 5.40 1.64 16.91
CA ALA B 8 4.53 2.25 15.91
C ALA B 8 4.93 2.09 14.42
N ARG B 9 6.15 2.54 14.00
CA ARG B 9 6.57 2.48 12.60
C ARG B 9 6.74 1.04 12.04
N LEU B 10 7.21 0.11 12.89
CA LEU B 10 7.45 -1.30 12.58
C LEU B 10 6.16 -2.14 12.42
N ARG B 11 5.04 -1.70 13.03
CA ARG B 11 3.73 -2.37 13.06
C ARG B 11 3.27 -2.96 11.72
N THR B 12 3.26 -2.16 10.64
CA THR B 12 2.80 -2.60 9.31
C THR B 12 3.66 -3.69 8.73
N LEU B 13 4.99 -3.50 8.76
CA LEU B 13 5.97 -4.45 8.24
C LEU B 13 5.90 -5.77 9.02
N HIS B 14 5.72 -5.66 10.35
CA HIS B 14 5.62 -6.78 11.26
C HIS B 14 4.44 -7.67 10.88
N ASN B 15 3.27 -7.05 10.62
CA ASN B 15 2.05 -7.77 10.24
C ASN B 15 2.29 -8.44 8.91
N LEU B 16 2.86 -7.69 7.93
CA LEU B 16 3.22 -8.19 6.60
C LEU B 16 4.09 -9.43 6.71
N VAL B 17 5.06 -9.44 7.65
CA VAL B 17 5.94 -10.60 7.86
C VAL B 17 5.15 -11.80 8.36
N ILE B 18 4.35 -11.61 9.42
CA ILE B 18 3.47 -12.63 10.03
C ILE B 18 2.53 -13.23 8.96
N GLN B 19 1.90 -12.35 8.15
CA GLN B 19 1.00 -12.75 7.07
C GLN B 19 1.73 -13.65 6.08
N TYR B 20 2.88 -13.20 5.55
CA TYR B 20 3.64 -14.00 4.58
C TYR B 20 4.12 -15.32 5.18
N ALA B 21 4.59 -15.28 6.43
CA ALA B 21 5.07 -16.47 7.12
C ALA B 21 3.93 -17.45 7.46
N SER B 22 2.69 -16.94 7.57
CA SER B 22 1.53 -17.78 7.84
C SER B 22 1.06 -18.42 6.52
N GLN B 23 1.05 -17.66 5.43
CA GLN B 23 0.72 -18.17 4.10
C GLN B 23 1.78 -19.22 3.67
N GLY B 24 2.86 -19.35 4.44
CA GLY B 24 3.94 -20.25 4.12
C GLY B 24 4.77 -19.72 2.96
N ARG B 25 4.79 -18.37 2.78
CA ARG B 25 5.58 -17.62 1.76
C ARG B 25 6.86 -17.12 2.46
N TYR B 26 7.65 -18.14 2.83
CA TYR B 26 8.90 -17.99 3.56
C TYR B 26 9.94 -17.24 2.76
N GLU B 27 9.96 -17.44 1.44
CA GLU B 27 10.83 -16.80 0.46
C GLU B 27 10.64 -15.29 0.38
N VAL B 28 9.56 -14.78 0.99
CA VAL B 28 9.15 -13.39 1.00
C VAL B 28 9.38 -12.87 2.41
N ALA B 29 8.91 -13.63 3.41
CA ALA B 29 9.02 -13.24 4.82
C ALA B 29 10.44 -13.06 5.31
N VAL B 30 11.30 -14.04 5.05
CA VAL B 30 12.68 -14.06 5.51
C VAL B 30 13.45 -12.89 4.92
N PRO B 31 13.37 -12.64 3.59
CA PRO B 31 14.10 -11.50 3.05
C PRO B 31 13.56 -10.16 3.52
N LEU B 32 12.21 -10.02 3.71
CA LEU B 32 11.64 -8.77 4.23
C LEU B 32 12.26 -8.48 5.61
N CYS B 33 12.27 -9.50 6.51
CA CYS B 33 12.89 -9.42 7.83
C CYS B 33 14.34 -9.01 7.73
N LYS B 34 15.11 -9.70 6.87
CA LYS B 34 16.53 -9.47 6.68
C LYS B 34 16.85 -8.05 6.18
N GLN B 35 16.08 -7.51 5.22
CA GLN B 35 16.30 -6.14 4.74
C GLN B 35 15.97 -5.14 5.85
N ALA B 36 14.84 -5.33 6.54
CA ALA B 36 14.42 -4.48 7.66
C ALA B 36 15.48 -4.41 8.76
N LEU B 37 16.17 -5.54 9.02
CA LEU B 37 17.25 -5.59 10.02
C LEU B 37 18.41 -4.69 9.62
N GLU B 38 18.80 -4.70 8.33
CA GLU B 38 19.87 -3.82 7.84
C GLU B 38 19.45 -2.35 7.92
N ASP B 39 18.16 -2.06 7.70
CA ASP B 39 17.62 -0.70 7.72
C ASP B 39 17.54 -0.18 9.15
N LEU B 40 17.42 -1.11 10.09
CA LEU B 40 17.34 -0.81 11.50
C LEU B 40 18.71 -0.56 12.09
N GLU B 41 19.75 -1.31 11.68
CA GLU B 41 21.13 -1.08 12.15
C GLU B 41 21.76 0.19 11.55
N LYS B 42 21.29 0.59 10.36
CA LYS B 42 21.78 1.79 9.66
C LYS B 42 21.55 2.98 10.57
N THR B 43 20.32 3.10 11.07
CA THR B 43 19.88 4.19 11.91
C THR B 43 20.18 3.97 13.38
N SER B 44 19.68 2.87 13.91
CA SER B 44 19.73 2.62 15.33
C SER B 44 21.01 2.02 15.86
N GLY B 45 21.60 1.09 15.11
CA GLY B 45 22.76 0.34 15.57
C GLY B 45 22.29 -1.00 16.13
N HIS B 46 23.13 -2.03 16.04
CA HIS B 46 22.77 -3.38 16.46
C HIS B 46 22.09 -3.46 17.81
N ASP B 47 22.72 -2.89 18.84
CA ASP B 47 22.16 -2.89 20.18
C ASP B 47 20.97 -1.90 20.32
N HIS B 48 19.83 -2.30 19.76
CA HIS B 48 18.60 -1.50 19.80
C HIS B 48 17.31 -2.34 20.03
N PRO B 49 16.35 -1.81 20.84
CA PRO B 49 15.07 -2.52 21.07
C PRO B 49 14.34 -2.91 19.80
N ASP B 50 14.45 -2.12 18.72
CA ASP B 50 13.85 -2.43 17.44
C ASP B 50 14.56 -3.54 16.70
N VAL B 51 15.91 -3.61 16.77
CA VAL B 51 16.68 -4.70 16.15
C VAL B 51 16.32 -6.00 16.89
N ALA B 52 16.19 -5.91 18.24
CA ALA B 52 15.83 -7.03 19.10
C ALA B 52 14.43 -7.55 18.71
N THR B 53 13.45 -6.62 18.54
CA THR B 53 12.09 -6.91 18.10
C THR B 53 12.14 -7.62 16.76
N MET B 54 12.77 -6.99 15.75
CA MET B 54 12.94 -7.54 14.41
C MET B 54 13.62 -8.92 14.38
N LEU B 55 14.62 -9.18 15.24
CA LEU B 55 15.30 -10.48 15.33
C LEU B 55 14.39 -11.57 15.89
N ASN B 56 13.55 -11.22 16.91
CA ASN B 56 12.61 -12.14 17.56
C ASN B 56 11.58 -12.63 16.54
N ILE B 57 11.06 -11.72 15.71
CA ILE B 57 10.10 -12.00 14.63
C ILE B 57 10.69 -13.04 13.68
N LEU B 58 11.92 -12.78 13.16
CA LEU B 58 12.62 -13.69 12.24
C LEU B 58 12.87 -15.09 12.81
N ALA B 59 13.44 -15.20 14.03
CA ALA B 59 13.69 -16.46 14.73
C ALA B 59 12.38 -17.25 14.94
N LEU B 60 11.22 -16.55 15.01
CA LEU B 60 9.93 -17.23 15.12
C LEU B 60 9.50 -17.78 13.76
N VAL B 61 9.82 -17.07 12.65
CA VAL B 61 9.62 -17.52 11.26
C VAL B 61 10.55 -18.75 10.99
N TYR B 62 11.80 -18.73 11.52
CA TYR B 62 12.75 -19.84 11.41
C TYR B 62 12.27 -21.07 12.21
N ARG B 63 11.51 -20.86 13.32
CA ARG B 63 10.89 -21.92 14.14
C ARG B 63 9.87 -22.62 13.21
N ASP B 64 8.92 -21.86 12.61
CA ASP B 64 7.94 -22.39 11.65
C ASP B 64 8.53 -23.22 10.50
N GLN B 65 9.75 -22.85 10.04
CA GLN B 65 10.47 -23.53 8.94
C GLN B 65 11.18 -24.79 9.40
N ASN B 66 11.45 -24.85 10.70
CA ASN B 66 12.14 -25.89 11.43
C ASN B 66 13.64 -25.70 11.29
N LYS B 67 14.06 -24.41 11.15
CA LYS B 67 15.46 -23.94 11.15
C LYS B 67 15.71 -23.61 12.64
N TYR B 68 15.75 -24.68 13.42
CA TYR B 68 15.82 -24.62 14.86
C TYR B 68 17.12 -24.07 15.36
N LYS B 69 18.26 -24.38 14.77
CA LYS B 69 19.54 -23.82 15.23
C LYS B 69 19.63 -22.32 14.94
N ASP B 70 19.11 -21.90 13.76
CA ASP B 70 19.05 -20.49 13.35
C ASP B 70 18.17 -19.71 14.34
N ALA B 71 16.95 -20.24 14.59
CA ALA B 71 15.97 -19.67 15.49
C ALA B 71 16.55 -19.49 16.87
N ALA B 72 17.27 -20.52 17.40
CA ALA B 72 17.91 -20.46 18.71
C ALA B 72 18.91 -19.34 18.76
N HIS B 73 19.82 -19.27 17.78
CA HIS B 73 20.90 -18.27 17.71
C HIS B 73 20.36 -16.83 17.70
N LEU B 74 19.37 -16.63 16.82
CA LEU B 74 18.69 -15.36 16.60
C LEU B 74 18.05 -14.84 17.89
N LEU B 75 17.41 -15.76 18.65
CA LEU B 75 16.78 -15.43 19.91
C LEU B 75 17.80 -15.16 20.99
N ASN B 76 19.00 -15.79 20.94
CA ASN B 76 20.03 -15.54 21.93
C ASN B 76 20.56 -14.13 21.74
N ASP B 77 20.82 -13.74 20.46
CA ASP B 77 21.25 -12.40 20.09
C ASP B 77 20.21 -11.33 20.53
N ALA B 78 18.92 -11.61 20.34
CA ALA B 78 17.81 -10.72 20.72
C ALA B 78 17.74 -10.49 22.22
N LEU B 79 17.94 -11.56 23.02
CA LEU B 79 17.93 -11.50 24.49
C LEU B 79 19.16 -10.75 24.98
N ALA B 80 20.25 -10.85 24.23
CA ALA B 80 21.47 -10.16 24.58
C ALA B 80 21.27 -8.65 24.45
N ILE B 81 20.55 -8.21 23.38
CA ILE B 81 20.22 -6.80 23.11
C ILE B 81 19.24 -6.26 24.16
N ARG B 82 18.27 -7.11 24.51
CA ARG B 82 17.22 -6.81 25.47
C ARG B 82 17.77 -6.65 26.88
N GLU B 83 18.85 -7.39 27.23
CA GLU B 83 19.51 -7.26 28.53
C GLU B 83 20.26 -5.93 28.66
N LYS B 84 20.88 -5.44 27.57
CA LYS B 84 21.62 -4.19 27.61
C LYS B 84 20.62 -3.04 27.63
N THR B 85 19.92 -2.87 26.50
CA THR B 85 18.98 -1.79 26.19
C THR B 85 17.81 -1.72 27.15
N LEU B 86 17.14 -2.84 27.36
CA LEU B 86 15.99 -2.78 28.25
C LEU B 86 16.33 -3.14 29.66
N GLY B 87 17.51 -3.71 29.88
CA GLY B 87 17.94 -4.14 31.20
C GLY B 87 17.40 -5.51 31.56
N LYS B 88 18.09 -6.18 32.49
CA LYS B 88 17.71 -7.51 32.99
C LYS B 88 16.45 -7.34 33.80
N ASP B 89 15.65 -8.40 33.91
CA ASP B 89 14.40 -8.34 34.66
C ASP B 89 13.36 -7.38 33.99
N HIS B 90 13.35 -7.37 32.63
CA HIS B 90 12.41 -6.60 31.82
C HIS B 90 11.41 -7.58 31.18
N PRO B 91 10.13 -7.18 30.99
CA PRO B 91 9.14 -8.09 30.39
C PRO B 91 9.52 -8.63 29.01
N ALA B 92 10.17 -7.76 28.20
CA ALA B 92 10.66 -8.13 26.86
C ALA B 92 11.70 -9.22 27.05
N VAL B 93 12.60 -9.09 28.04
CA VAL B 93 13.62 -10.09 28.39
C VAL B 93 12.96 -11.40 28.80
N ALA B 94 11.84 -11.32 29.60
CA ALA B 94 11.05 -12.48 30.04
C ALA B 94 10.43 -13.19 28.83
N ALA B 95 9.79 -12.43 27.93
CA ALA B 95 9.16 -12.91 26.69
C ALA B 95 10.11 -13.73 25.82
N THR B 96 11.37 -13.24 25.65
CA THR B 96 12.45 -13.87 24.89
C THR B 96 12.89 -15.19 25.53
N LEU B 97 13.03 -15.19 26.88
CA LEU B 97 13.43 -16.39 27.62
C LEU B 97 12.40 -17.47 27.45
N ASN B 98 11.09 -17.09 27.48
CA ASN B 98 9.98 -18.01 27.28
C ASN B 98 10.07 -18.56 25.87
N ASN B 99 10.35 -17.68 24.87
CA ASN B 99 10.52 -18.06 23.46
C ASN B 99 11.66 -19.07 23.24
N LEU B 100 12.86 -18.80 23.82
CA LEU B 100 14.01 -19.71 23.76
C LEU B 100 13.68 -21.04 24.44
N ALA B 101 12.95 -20.98 25.59
CA ALA B 101 12.55 -22.18 26.34
C ALA B 101 11.54 -23.05 25.58
N VAL B 102 10.59 -22.41 24.86
CA VAL B 102 9.58 -23.10 24.04
C VAL B 102 10.29 -23.75 22.87
N LEU B 103 11.33 -23.08 22.34
CA LEU B 103 12.10 -23.62 21.22
C LEU B 103 12.91 -24.83 21.66
N TYR B 104 13.45 -24.78 22.90
CA TYR B 104 14.27 -25.87 23.43
C TYR B 104 13.46 -27.09 23.75
N GLY B 105 12.30 -26.90 24.39
CA GLY B 105 11.36 -27.97 24.73
C GLY B 105 10.91 -28.71 23.49
N LYS B 106 10.57 -27.97 22.40
CA LYS B 106 10.19 -28.56 21.12
C LYS B 106 11.21 -29.55 20.57
N ARG B 107 12.51 -29.22 20.72
CA ARG B 107 13.65 -30.03 20.30
C ARG B 107 13.90 -31.19 21.26
N GLY B 108 13.31 -31.11 22.45
CA GLY B 108 13.49 -32.07 23.52
C GLY B 108 14.59 -31.68 24.50
N LYS B 109 15.12 -30.43 24.45
CA LYS B 109 16.17 -29.88 25.33
C LYS B 109 15.51 -29.32 26.60
N TYR B 110 14.73 -30.18 27.30
CA TYR B 110 13.94 -29.85 28.47
C TYR B 110 14.71 -29.31 29.62
N LYS B 111 15.91 -29.84 29.85
CA LYS B 111 16.78 -29.39 30.94
C LYS B 111 17.34 -28.00 30.65
N GLU B 112 17.68 -27.74 29.36
CA GLU B 112 18.20 -26.48 28.86
C GLU B 112 17.11 -25.41 28.98
N ALA B 113 15.85 -25.78 28.67
CA ALA B 113 14.72 -24.86 28.74
C ALA B 113 14.32 -24.56 30.17
N GLU B 114 14.75 -25.38 31.14
CA GLU B 114 14.33 -25.25 32.54
C GLU B 114 14.82 -23.97 33.22
N PRO B 115 16.12 -23.56 33.07
CA PRO B 115 16.59 -22.35 33.76
C PRO B 115 15.96 -21.11 33.17
N LEU B 116 15.85 -21.05 31.81
CA LEU B 116 15.22 -19.94 31.07
C LEU B 116 13.82 -19.69 31.63
N CYS B 117 13.00 -20.78 31.74
CA CYS B 117 11.64 -20.70 32.26
C CYS B 117 11.62 -20.16 33.70
N LYS B 118 12.56 -20.66 34.54
CA LYS B 118 12.76 -20.25 35.92
C LYS B 118 13.11 -18.75 36.02
N ARG B 119 14.02 -18.23 35.15
CA ARG B 119 14.40 -16.80 35.12
C ARG B 119 13.21 -15.93 34.73
N ALA B 120 12.45 -16.35 33.71
CA ALA B 120 11.26 -15.64 33.26
C ALA B 120 10.19 -15.56 34.35
N LEU B 121 9.92 -16.68 35.09
CA LEU B 121 8.97 -16.71 36.21
C LEU B 121 9.40 -15.72 37.30
N GLU B 122 10.72 -15.58 37.49
CA GLU B 122 11.29 -14.67 38.47
C GLU B 122 11.04 -13.24 38.04
N ILE B 123 11.13 -12.95 36.73
CA ILE B 123 10.84 -11.62 36.17
C ILE B 123 9.34 -11.29 36.34
N ARG B 124 8.47 -12.30 35.98
CA ARG B 124 7.01 -12.23 36.01
C ARG B 124 6.53 -11.87 37.41
N GLU B 125 7.05 -12.58 38.42
CA GLU B 125 6.74 -12.34 39.84
C GLU B 125 7.09 -10.90 40.29
N LYS B 126 8.23 -10.38 39.81
CA LYS B 126 8.68 -9.05 40.18
C LYS B 126 7.78 -7.97 39.63
N VAL B 127 7.34 -8.12 38.38
CA VAL B 127 6.56 -7.08 37.74
C VAL B 127 5.07 -7.21 38.04
N LEU B 128 4.57 -8.43 37.99
CA LEU B 128 3.15 -8.63 38.17
C LEU B 128 2.71 -8.81 39.58
N GLY B 129 3.57 -9.41 40.39
CA GLY B 129 3.24 -9.72 41.77
C GLY B 129 3.25 -11.22 41.92
N LYS B 130 3.60 -11.74 43.11
CA LYS B 130 3.73 -13.17 43.35
C LYS B 130 2.46 -13.96 43.02
N PHE B 131 1.28 -13.41 43.34
CA PHE B 131 0.01 -14.11 43.14
C PHE B 131 -0.73 -13.62 41.92
N HIS B 132 0.00 -13.22 40.89
CA HIS B 132 -0.69 -12.80 39.68
C HIS B 132 -1.14 -14.02 38.82
N PRO B 133 -2.32 -13.99 38.13
CA PRO B 133 -2.71 -15.12 37.28
C PRO B 133 -1.72 -15.51 36.16
N ASP B 134 -0.92 -14.55 35.66
CA ASP B 134 0.11 -14.84 34.66
C ASP B 134 1.29 -15.58 35.30
N VAL B 135 1.58 -15.32 36.60
CA VAL B 135 2.60 -16.06 37.37
C VAL B 135 2.14 -17.52 37.50
N ALA B 136 0.81 -17.73 37.67
CA ALA B 136 0.23 -19.06 37.73
C ALA B 136 0.37 -19.79 36.37
N LYS B 137 0.13 -19.09 35.24
CA LYS B 137 0.29 -19.64 33.87
C LYS B 137 1.75 -20.03 33.64
N GLN B 138 2.68 -19.22 34.18
CA GLN B 138 4.11 -19.47 34.06
C GLN B 138 4.47 -20.69 34.90
N LEU B 139 4.02 -20.75 36.18
CA LEU B 139 4.29 -21.89 37.07
C LEU B 139 3.82 -23.20 36.46
N SER B 140 2.65 -23.19 35.79
CA SER B 140 2.05 -24.33 35.10
C SER B 140 3.00 -24.81 33.98
N ASN B 141 3.47 -23.86 33.15
CA ASN B 141 4.41 -24.13 32.05
C ASN B 141 5.71 -24.72 32.53
N LEU B 142 6.31 -24.12 33.59
CA LEU B 142 7.53 -24.61 34.25
C LEU B 142 7.31 -26.00 34.86
N ALA B 143 6.09 -26.26 35.42
CA ALA B 143 5.70 -27.59 35.97
C ALA B 143 5.67 -28.68 34.88
N LEU B 144 5.26 -28.29 33.65
CA LEU B 144 5.20 -29.15 32.47
C LEU B 144 6.63 -29.51 32.01
N LEU B 145 7.59 -28.55 32.08
CA LEU B 145 8.99 -28.81 31.73
C LEU B 145 9.67 -29.87 32.62
N CYS B 146 9.20 -29.98 33.90
CA CYS B 146 9.72 -30.95 34.88
C CYS B 146 9.08 -32.30 34.67
N GLN B 147 7.77 -32.34 34.29
CA GLN B 147 6.97 -33.53 33.96
C GLN B 147 7.69 -34.24 32.80
N ASN B 148 8.08 -33.50 31.73
CA ASN B 148 8.84 -34.07 30.62
C ASN B 148 10.19 -34.63 31.04
N GLN B 149 10.78 -34.09 32.13
CA GLN B 149 12.06 -34.53 32.72
C GLN B 149 11.84 -35.66 33.75
N GLY B 150 10.60 -35.87 34.13
CA GLY B 150 10.23 -36.85 35.13
C GLY B 150 10.66 -36.45 36.54
N LYS B 151 10.58 -35.14 36.86
CA LYS B 151 10.90 -34.52 38.17
C LYS B 151 9.60 -34.33 38.96
N ALA B 152 8.96 -35.47 39.30
CA ALA B 152 7.67 -35.65 39.97
C ALA B 152 7.42 -34.70 41.09
N GLU B 153 8.39 -34.55 42.02
CA GLU B 153 8.27 -33.65 43.17
C GLU B 153 8.10 -32.18 42.70
N GLU B 154 8.97 -31.76 41.74
CA GLU B 154 9.01 -30.41 41.17
C GLU B 154 7.68 -30.05 40.51
N VAL B 155 7.12 -30.99 39.74
CA VAL B 155 5.82 -30.85 39.07
C VAL B 155 4.73 -30.56 40.06
N GLU B 156 4.77 -31.24 41.23
CA GLU B 156 3.77 -31.14 42.31
C GLU B 156 3.87 -29.79 42.95
N TYR B 157 5.10 -29.29 43.15
CA TYR B 157 5.33 -28.00 43.78
C TYR B 157 4.81 -26.90 42.89
N TYR B 158 5.22 -26.94 41.62
CA TYR B 158 4.83 -25.90 40.69
C TYR B 158 3.32 -25.83 40.46
N TYR B 159 2.64 -27.00 40.34
CA TYR B 159 1.19 -27.07 40.11
C TYR B 159 0.45 -26.70 41.36
N ARG B 160 1.08 -26.91 42.53
CA ARG B 160 0.51 -26.59 43.84
C ARG B 160 0.49 -25.08 43.99
N ARG B 161 1.61 -24.40 43.59
CA ARG B 161 1.76 -22.94 43.61
C ARG B 161 0.73 -22.29 42.65
N ALA B 162 0.59 -22.90 41.44
CA ALA B 162 -0.30 -22.41 40.38
C ALA B 162 -1.76 -22.42 40.84
N LEU B 163 -2.17 -23.53 41.49
CA LEU B 163 -3.51 -23.77 42.02
C LEU B 163 -3.83 -22.77 43.11
N GLU B 164 -2.80 -22.45 43.95
CA GLU B 164 -2.94 -21.47 45.01
C GLU B 164 -3.39 -20.15 44.38
N ILE B 165 -2.68 -19.69 43.31
CA ILE B 165 -3.04 -18.46 42.58
C ILE B 165 -4.42 -18.59 41.96
N TYR B 166 -4.64 -19.66 41.18
CA TYR B 166 -5.91 -19.82 40.49
C TYR B 166 -7.12 -19.80 41.42
N ALA B 167 -7.14 -20.69 42.40
CA ALA B 167 -8.24 -20.84 43.33
C ALA B 167 -8.56 -19.60 44.18
N THR B 168 -7.54 -18.83 44.55
CA THR B 168 -7.81 -17.67 45.39
C THR B 168 -8.08 -16.44 44.55
N ARG B 169 -7.21 -16.17 43.55
CA ARG B 169 -7.35 -14.99 42.69
C ARG B 169 -8.58 -15.05 41.80
N LEU B 170 -8.87 -16.24 41.22
CA LEU B 170 -10.06 -16.43 40.37
C LEU B 170 -11.12 -17.26 41.14
N GLY B 171 -12.31 -17.41 40.55
CA GLY B 171 -13.39 -18.18 41.19
C GLY B 171 -13.16 -19.68 41.30
N PRO B 172 -14.01 -20.42 42.07
CA PRO B 172 -13.84 -21.89 42.12
C PRO B 172 -14.32 -22.54 40.82
N ASP B 173 -15.38 -21.97 40.20
CA ASP B 173 -15.95 -22.41 38.94
C ASP B 173 -15.02 -22.24 37.75
N ASP B 174 -13.99 -21.36 37.84
CA ASP B 174 -13.00 -21.17 36.79
C ASP B 174 -12.43 -22.52 36.28
N PRO B 175 -12.31 -22.62 34.93
CA PRO B 175 -11.82 -23.88 34.32
C PRO B 175 -10.34 -24.11 34.54
N ASN B 176 -9.58 -23.01 34.75
CA ASN B 176 -8.14 -23.02 35.02
C ASN B 176 -7.88 -23.78 36.32
N VAL B 177 -8.76 -23.61 37.32
CA VAL B 177 -8.71 -24.29 38.62
C VAL B 177 -8.89 -25.82 38.44
N ALA B 178 -9.91 -26.23 37.67
CA ALA B 178 -10.21 -27.64 37.42
C ALA B 178 -9.10 -28.29 36.60
N LYS B 179 -8.54 -27.53 35.65
CA LYS B 179 -7.45 -27.96 34.77
C LYS B 179 -6.21 -28.29 35.63
N THR B 180 -5.87 -27.40 36.60
CA THR B 180 -4.73 -27.57 37.49
C THR B 180 -4.93 -28.76 38.42
N LYS B 181 -6.11 -28.83 39.10
CA LYS B 181 -6.46 -29.94 40.00
C LYS B 181 -6.40 -31.31 39.28
N ASN B 182 -6.69 -31.36 37.96
CA ASN B 182 -6.63 -32.60 37.17
C ASN B 182 -5.18 -32.99 36.85
N ASN B 183 -4.33 -31.97 36.49
CA ASN B 183 -2.90 -32.07 36.20
C ASN B 183 -2.09 -32.48 37.44
N LEU B 184 -2.36 -31.83 38.62
CA LEU B 184 -1.77 -32.11 39.94
C LEU B 184 -2.15 -33.52 40.41
N ALA B 185 -3.43 -33.92 40.23
CA ALA B 185 -3.91 -35.26 40.61
C ALA B 185 -3.16 -36.33 39.82
N SER B 186 -2.93 -36.05 38.53
CA SER B 186 -2.19 -36.93 37.64
C SER B 186 -0.74 -37.14 38.14
N CYS B 187 -0.11 -36.04 38.60
CA CYS B 187 1.25 -36.00 39.16
C CYS B 187 1.32 -36.84 40.43
N TYR B 188 0.19 -36.83 41.20
CA TYR B 188 0.07 -37.57 42.44
C TYR B 188 0.03 -39.04 42.15
N LEU B 189 -0.78 -39.43 41.14
CA LEU B 189 -0.96 -40.80 40.66
C LEU B 189 0.39 -41.38 40.25
N LYS B 190 1.26 -40.55 39.63
CA LYS B 190 2.61 -41.00 39.26
C LYS B 190 3.49 -41.24 40.49
N GLN B 191 3.28 -40.46 41.57
CA GLN B 191 4.05 -40.59 42.79
C GLN B 191 3.52 -41.73 43.67
N GLY B 192 2.30 -42.15 43.38
CA GLY B 192 1.62 -43.15 44.16
C GLY B 192 0.83 -42.53 45.29
N LYS B 193 0.53 -41.21 45.22
CA LYS B 193 -0.27 -40.46 46.21
C LYS B 193 -1.74 -40.54 45.74
N TYR B 194 -2.24 -41.78 45.77
CA TYR B 194 -3.56 -42.18 45.28
C TYR B 194 -4.65 -41.46 46.01
N GLN B 195 -4.63 -41.45 47.35
CA GLN B 195 -5.66 -40.79 48.13
C GLN B 195 -5.70 -39.29 47.89
N ASP B 196 -4.53 -38.68 47.64
CA ASP B 196 -4.42 -37.24 47.36
C ASP B 196 -5.13 -36.87 46.03
N ALA B 197 -4.88 -37.68 44.99
CA ALA B 197 -5.47 -37.50 43.66
C ALA B 197 -6.98 -37.71 43.66
N GLU B 198 -7.42 -38.67 44.49
CA GLU B 198 -8.81 -39.08 44.66
C GLU B 198 -9.62 -37.93 45.24
N THR B 199 -9.04 -37.26 46.24
CA THR B 199 -9.64 -36.14 46.96
C THR B 199 -9.75 -34.98 45.99
N LEU B 200 -8.71 -34.81 45.16
CA LEU B 200 -8.68 -33.72 44.18
C LEU B 200 -9.82 -33.83 43.16
N TYR B 201 -10.04 -35.08 42.69
CA TYR B 201 -11.06 -35.43 41.71
C TYR B 201 -12.44 -35.16 42.26
N LYS B 202 -12.63 -35.56 43.54
CA LYS B 202 -13.85 -35.41 44.29
C LYS B 202 -14.17 -33.96 44.43
N GLU B 203 -13.17 -33.12 44.74
CA GLU B 203 -13.34 -31.67 44.86
C GLU B 203 -13.93 -31.09 43.58
N ILE B 204 -13.35 -31.49 42.43
CA ILE B 204 -13.80 -31.06 41.10
C ILE B 204 -15.26 -31.40 40.85
N LEU B 205 -15.60 -32.66 41.05
CA LEU B 205 -16.94 -33.19 40.85
C LEU B 205 -17.94 -32.52 41.74
N THR B 206 -17.58 -32.29 43.01
CA THR B 206 -18.41 -31.65 44.02
C THR B 206 -18.72 -30.17 43.69
N ARG B 207 -17.76 -29.42 43.10
CA ARG B 207 -18.02 -28.01 42.78
C ARG B 207 -18.96 -27.95 41.57
N ALA B 208 -18.67 -28.79 40.56
CA ALA B 208 -19.44 -28.96 39.33
C ALA B 208 -20.94 -29.21 39.69
N HIS B 209 -21.18 -30.22 40.53
CA HIS B 209 -22.49 -30.63 41.04
C HIS B 209 -23.19 -29.48 41.76
N GLU B 210 -22.45 -28.74 42.61
CA GLU B 210 -22.97 -27.61 43.38
C GLU B 210 -23.41 -26.43 42.50
N LYS B 211 -22.65 -26.11 41.45
CA LYS B 211 -22.98 -25.03 40.51
C LYS B 211 -24.29 -25.36 39.79
N GLU B 212 -24.48 -26.65 39.44
CA GLU B 212 -25.67 -27.12 38.76
C GLU B 212 -26.87 -27.19 39.68
N PHE B 213 -26.73 -27.82 40.85
CA PHE B 213 -27.91 -28.04 41.67
C PHE B 213 -27.78 -27.55 43.10
N GLY B 214 -27.36 -26.30 43.25
CA GLY B 214 -27.17 -25.65 44.55
C GLY B 214 -26.32 -26.42 45.55
N SER B 215 -26.47 -26.08 46.84
CA SER B 215 -25.71 -26.73 47.91
C SER B 215 -26.08 -28.21 48.07
N VAL B 216 -25.07 -29.03 48.41
CA VAL B 216 -25.25 -30.47 48.65
C VAL B 216 -25.96 -30.71 49.97
N ASN B 217 -27.16 -31.33 49.86
CA ASN B 217 -28.06 -31.75 50.95
C ASN B 217 -28.26 -33.28 50.88
N GLY B 218 -29.01 -33.84 51.84
CA GLY B 218 -29.27 -35.28 51.96
C GLY B 218 -29.75 -35.93 50.66
N GLU B 219 -30.76 -35.34 50.05
CA GLU B 219 -31.37 -35.83 48.81
C GLU B 219 -30.40 -35.62 47.63
N ASN B 220 -29.84 -34.41 47.53
CA ASN B 220 -28.95 -33.99 46.46
C ASN B 220 -27.48 -34.32 46.76
N LYS B 221 -27.08 -35.57 46.54
CA LYS B 221 -25.70 -35.98 46.80
C LYS B 221 -24.93 -35.91 45.47
N PRO B 222 -23.59 -35.65 45.48
CA PRO B 222 -22.82 -35.66 44.21
C PRO B 222 -22.77 -37.03 43.55
N ILE B 223 -22.17 -37.06 42.36
CA ILE B 223 -22.06 -38.20 41.45
C ILE B 223 -21.24 -39.33 42.05
N TRP B 224 -20.09 -38.99 42.66
CA TRP B 224 -19.16 -39.95 43.32
C TRP B 224 -19.81 -40.60 44.53
N MET B 225 -20.38 -39.75 45.43
CA MET B 225 -21.05 -40.14 46.66
C MET B 225 -22.21 -41.11 46.40
N HIS B 226 -22.82 -41.03 45.19
CA HIS B 226 -23.90 -41.90 44.77
C HIS B 226 -23.35 -43.30 44.42
N ALA B 227 -22.17 -43.34 43.74
CA ALA B 227 -21.45 -44.56 43.35
C ALA B 227 -20.79 -45.26 44.54
N GLU B 228 -20.17 -44.50 45.48
CA GLU B 228 -19.60 -45.08 46.69
C GLU B 228 -20.72 -45.76 47.48
N GLU B 229 -21.97 -45.20 47.43
CA GLU B 229 -23.17 -45.77 48.06
C GLU B 229 -23.61 -47.03 47.31
N ARG B 230 -23.44 -47.02 45.97
CA ARG B 230 -23.79 -48.13 45.09
C ARG B 230 -22.91 -49.38 45.30
N GLU B 231 -21.63 -49.19 45.68
CA GLU B 231 -20.67 -50.27 45.95
C GLU B 231 -21.09 -51.12 47.17
N GLU B 232 -21.88 -50.53 48.08
CA GLU B 232 -22.42 -51.22 49.25
C GLU B 232 -23.82 -51.79 48.91
N SER B 233 -23.91 -52.33 47.67
CA SER B 233 -25.03 -52.94 46.94
C SER B 233 -26.02 -53.71 47.80
N LYS B 234 -27.34 -53.50 47.52
CA LYS B 234 -28.47 -54.14 48.20
C LYS B 234 -29.69 -54.22 47.28
N CYS B 253 -25.21 -34.87 36.37
CA CYS B 253 -24.55 -35.60 35.28
C CYS B 253 -24.80 -34.93 33.88
N LYS B 254 -24.32 -35.56 32.77
CA LYS B 254 -24.31 -35.18 31.34
C LYS B 254 -23.79 -33.75 31.10
N VAL B 255 -22.84 -33.34 31.98
CA VAL B 255 -22.13 -32.06 31.98
C VAL B 255 -21.21 -32.11 30.75
N ASP B 256 -21.51 -31.27 29.74
CA ASP B 256 -20.76 -31.18 28.48
C ASP B 256 -19.31 -30.65 28.63
N SER B 257 -18.83 -30.47 29.89
CA SER B 257 -17.47 -30.00 30.18
C SER B 257 -16.44 -31.12 29.95
N PRO B 258 -15.45 -30.89 29.05
CA PRO B 258 -14.47 -31.95 28.76
C PRO B 258 -13.55 -32.26 29.95
N THR B 259 -13.24 -31.21 30.75
CA THR B 259 -12.44 -31.23 31.96
C THR B 259 -13.14 -32.08 33.01
N VAL B 260 -14.47 -31.97 33.08
CA VAL B 260 -15.29 -32.72 34.03
C VAL B 260 -15.37 -34.22 33.64
N ASN B 261 -15.21 -34.56 32.33
CA ASN B 261 -15.19 -35.94 31.82
C ASN B 261 -13.88 -36.62 32.22
N THR B 262 -12.74 -35.93 31.98
CA THR B 262 -11.40 -36.39 32.33
C THR B 262 -11.43 -36.81 33.79
N THR B 263 -12.02 -35.95 34.66
CA THR B 263 -12.20 -36.15 36.09
C THR B 263 -12.99 -37.41 36.40
N LEU B 264 -14.16 -37.55 35.76
CA LEU B 264 -15.06 -38.71 35.93
C LEU B 264 -14.36 -40.01 35.54
N ARG B 265 -13.67 -40.02 34.39
CA ARG B 265 -12.92 -41.17 33.86
C ARG B 265 -11.79 -41.52 34.83
N SER B 266 -10.97 -40.51 35.20
CA SER B 266 -9.84 -40.65 36.11
C SER B 266 -10.22 -41.18 37.50
N LEU B 267 -11.34 -40.68 38.08
CA LEU B 267 -11.81 -41.16 39.39
C LEU B 267 -12.35 -42.59 39.29
N GLY B 268 -12.91 -42.91 38.12
CA GLY B 268 -13.42 -44.25 37.82
C GLY B 268 -12.25 -45.21 37.79
N ALA B 269 -11.15 -44.80 37.11
CA ALA B 269 -9.88 -45.55 37.03
C ALA B 269 -9.34 -45.86 38.43
N LEU B 270 -9.43 -44.88 39.35
CA LEU B 270 -9.02 -45.00 40.76
C LEU B 270 -9.91 -45.99 41.50
N TYR B 271 -11.25 -45.93 41.28
CA TYR B 271 -12.23 -46.85 41.89
C TYR B 271 -12.00 -48.27 41.37
N ARG B 272 -11.63 -48.40 40.06
CA ARG B 272 -11.29 -49.66 39.39
C ARG B 272 -10.04 -50.29 40.04
N ARG B 273 -9.09 -49.45 40.48
CA ARG B 273 -7.87 -49.88 41.16
C ARG B 273 -8.18 -50.18 42.64
N GLN B 274 -9.19 -49.49 43.20
CA GLN B 274 -9.62 -49.62 44.59
C GLN B 274 -10.48 -50.87 44.82
N GLY B 275 -10.89 -51.52 43.73
CA GLY B 275 -11.75 -52.69 43.77
C GLY B 275 -13.22 -52.32 43.70
N LYS B 276 -13.59 -51.04 44.04
CA LYS B 276 -14.95 -50.48 44.03
C LYS B 276 -15.35 -50.38 42.57
N LEU B 277 -15.72 -51.52 42.00
CA LEU B 277 -15.98 -51.66 40.57
C LEU B 277 -17.27 -51.02 40.16
N GLU B 278 -18.37 -51.24 40.92
CA GLU B 278 -19.67 -50.63 40.63
C GLU B 278 -19.56 -49.10 40.59
N ALA B 279 -18.70 -48.56 41.50
CA ALA B 279 -18.38 -47.14 41.59
C ALA B 279 -17.62 -46.68 40.34
N ALA B 280 -16.68 -47.51 39.85
CA ALA B 280 -15.90 -47.25 38.64
C ALA B 280 -16.81 -47.25 37.43
N HIS B 281 -17.79 -48.18 37.42
CA HIS B 281 -18.78 -48.40 36.37
C HIS B 281 -19.71 -47.20 36.21
N THR B 282 -20.43 -46.82 37.28
CA THR B 282 -21.37 -45.68 37.26
C THR B 282 -20.68 -44.38 36.88
N LEU B 283 -19.43 -44.22 37.35
CA LEU B 283 -18.66 -43.04 37.02
C LEU B 283 -18.25 -43.04 35.54
N GLU B 284 -17.87 -44.22 35.01
CA GLU B 284 -17.55 -44.43 33.60
C GLU B 284 -18.77 -44.13 32.71
N ASP B 285 -19.96 -44.63 33.13
CA ASP B 285 -21.25 -44.44 32.47
C ASP B 285 -21.66 -42.98 32.40
N CYS B 286 -21.59 -42.26 33.53
CA CYS B 286 -21.91 -40.84 33.57
C CYS B 286 -21.00 -40.11 32.59
N ALA B 287 -19.69 -40.47 32.57
CA ALA B 287 -18.70 -39.90 31.65
C ALA B 287 -19.06 -40.24 30.21
N SER B 288 -19.54 -41.48 29.96
CA SER B 288 -19.98 -41.92 28.63
C SER B 288 -21.15 -41.04 28.17
N ARG B 289 -22.09 -40.71 29.09
CA ARG B 289 -23.29 -39.87 28.87
C ARG B 289 -22.91 -38.40 28.63
N ARG C 5 42.64 -16.90 -6.46
CA ARG C 5 41.52 -17.76 -6.08
C ARG C 5 40.26 -17.35 -6.84
N MET C 6 40.35 -17.45 -8.19
CA MET C 6 39.26 -17.14 -9.12
C MET C 6 38.00 -17.95 -8.78
N GLY C 7 38.17 -19.25 -8.51
CA GLY C 7 37.09 -20.16 -8.14
C GLY C 7 36.40 -19.76 -6.85
N LYS C 8 37.20 -19.34 -5.84
CA LYS C 8 36.69 -18.87 -4.54
C LYS C 8 35.88 -17.57 -4.74
N GLU C 9 36.39 -16.66 -5.60
CA GLU C 9 35.73 -15.39 -5.92
C GLU C 9 34.41 -15.63 -6.63
N VAL C 10 34.38 -16.55 -7.62
CA VAL C 10 33.17 -16.91 -8.38
C VAL C 10 32.12 -17.43 -7.41
N GLY C 11 32.49 -18.36 -6.53
CA GLY C 11 31.59 -18.92 -5.52
C GLY C 11 30.93 -17.85 -4.67
N ASN C 12 31.72 -16.87 -4.21
CA ASN C 12 31.22 -15.76 -3.39
C ASN C 12 30.27 -14.83 -4.17
N LEU C 13 30.64 -14.53 -5.42
CA LEU C 13 29.80 -13.73 -6.30
C LEU C 13 28.47 -14.43 -6.55
N LEU C 14 28.48 -15.76 -6.78
CA LEU C 14 27.27 -16.53 -6.98
C LEU C 14 26.40 -16.53 -5.73
N LEU C 15 27.01 -16.61 -4.54
CA LEU C 15 26.27 -16.55 -3.28
C LEU C 15 25.59 -15.18 -3.11
N GLU C 16 26.35 -14.10 -3.32
CA GLU C 16 25.86 -12.72 -3.20
C GLU C 16 24.75 -12.41 -4.24
N ASN C 17 24.92 -12.92 -5.47
CA ASN C 17 23.96 -12.73 -6.55
C ASN C 17 22.66 -13.39 -6.18
N SER C 18 22.69 -14.59 -5.61
CA SER C 18 21.49 -15.31 -5.19
C SER C 18 20.81 -14.60 -4.05
N GLN C 19 21.57 -14.14 -3.04
CA GLN C 19 21.03 -13.43 -1.88
C GLN C 19 20.32 -12.17 -2.34
N LEU C 20 20.97 -11.39 -3.22
CA LEU C 20 20.43 -10.16 -3.80
C LEU C 20 19.14 -10.43 -4.54
N LEU C 21 19.13 -11.49 -5.38
CA LEU C 21 18.00 -11.87 -6.18
C LEU C 21 16.80 -12.29 -5.36
N GLU C 22 17.02 -13.07 -4.28
CA GLU C 22 15.99 -13.51 -3.35
C GLU C 22 15.32 -12.27 -2.75
N THR C 23 16.13 -11.30 -2.28
CA THR C 23 15.67 -10.07 -1.65
C THR C 23 14.92 -9.19 -2.64
N LYS C 24 15.41 -9.09 -3.89
CA LYS C 24 14.79 -8.28 -4.93
C LYS C 24 13.41 -8.82 -5.23
N ASN C 25 13.30 -10.16 -5.35
CA ASN C 25 12.03 -10.80 -5.66
C ASN C 25 11.05 -10.71 -4.49
N ALA C 26 11.55 -10.77 -3.24
CA ALA C 26 10.72 -10.61 -2.04
C ALA C 26 10.18 -9.19 -1.97
N LEU C 27 11.05 -8.20 -2.26
CA LEU C 27 10.69 -6.79 -2.25
C LEU C 27 9.68 -6.46 -3.33
N ASN C 28 9.83 -7.09 -4.49
CA ASN C 28 8.90 -6.92 -5.61
C ASN C 28 7.52 -7.47 -5.26
N VAL C 29 7.47 -8.62 -4.58
CA VAL C 29 6.23 -9.27 -4.14
C VAL C 29 5.48 -8.36 -3.17
N VAL C 30 6.20 -7.78 -2.18
CA VAL C 30 5.63 -6.92 -1.15
C VAL C 30 5.14 -5.62 -1.75
N LYS C 31 5.91 -5.05 -2.66
CA LYS C 31 5.60 -3.78 -3.33
C LYS C 31 4.30 -3.90 -4.12
N ASN C 32 4.12 -5.05 -4.79
CA ASN C 32 2.94 -5.33 -5.60
C ASN C 32 1.70 -5.46 -4.72
N ASP C 33 1.87 -6.15 -3.57
CA ASP C 33 0.82 -6.38 -2.59
C ASP C 33 0.43 -5.06 -1.92
N LEU C 34 1.44 -4.21 -1.65
CA LEU C 34 1.26 -2.89 -1.06
C LEU C 34 0.51 -1.95 -2.00
N ILE C 35 0.76 -2.07 -3.32
CA ILE C 35 0.07 -1.26 -4.34
C ILE C 35 -1.41 -1.64 -4.39
N ALA C 36 -1.71 -2.95 -4.35
CA ALA C 36 -3.08 -3.48 -4.39
C ALA C 36 -3.88 -3.05 -3.15
N LYS C 37 -3.19 -2.94 -1.99
CA LYS C 37 -3.82 -2.50 -0.73
C LYS C 37 -4.07 -0.99 -0.77
N VAL C 38 -3.22 -0.23 -1.49
CA VAL C 38 -3.35 1.21 -1.66
C VAL C 38 -4.53 1.48 -2.60
N ASP C 39 -4.70 0.61 -3.61
CA ASP C 39 -5.77 0.71 -4.60
C ASP C 39 -7.12 0.38 -3.98
N GLN C 40 -7.14 -0.65 -3.10
CA GLN C 40 -8.34 -1.07 -2.40
C GLN C 40 -8.77 0.02 -1.42
N LEU C 41 -7.78 0.66 -0.75
CA LEU C 41 -8.02 1.73 0.22
C LEU C 41 -8.45 3.03 -0.42
N SER C 42 -7.80 3.44 -1.53
CA SER C 42 -8.16 4.68 -2.25
C SER C 42 -9.58 4.59 -2.81
N GLY C 43 -9.98 3.40 -3.25
CA GLY C 43 -11.32 3.13 -3.75
C GLY C 43 -12.34 3.18 -2.62
N GLU C 44 -11.97 2.59 -1.47
CA GLU C 44 -12.79 2.57 -0.26
C GLU C 44 -12.92 3.94 0.37
N GLN C 45 -11.87 4.78 0.26
CA GLN C 45 -11.90 6.14 0.81
C GLN C 45 -12.81 7.00 -0.08
N GLU C 46 -12.92 6.67 -1.39
CA GLU C 46 -13.81 7.36 -2.33
C GLU C 46 -15.29 7.08 -2.03
N VAL C 47 -15.62 5.83 -1.68
CA VAL C 47 -16.97 5.40 -1.29
C VAL C 47 -17.36 6.20 -0.03
N LEU C 48 -16.46 6.24 0.97
CA LEU C 48 -16.67 6.95 2.23
C LEU C 48 -16.77 8.46 2.05
N LYS C 49 -15.92 9.07 1.19
CA LYS C 49 -15.95 10.51 0.91
C LYS C 49 -17.27 10.90 0.23
N GLY C 50 -17.79 9.97 -0.59
CA GLY C 50 -19.05 10.09 -1.30
C GLY C 50 -20.24 9.99 -0.37
N GLU C 51 -20.18 9.00 0.57
CA GLU C 51 -21.19 8.74 1.59
C GLU C 51 -21.31 9.91 2.56
N LEU C 52 -20.17 10.48 2.99
CA LEU C 52 -20.11 11.61 3.91
C LEU C 52 -20.66 12.89 3.28
N GLU C 53 -20.30 13.14 2.00
CA GLU C 53 -20.77 14.33 1.29
C GLU C 53 -22.24 14.22 0.84
N ALA C 54 -22.79 12.98 0.82
CA ALA C 54 -24.19 12.71 0.48
C ALA C 54 -25.07 12.99 1.70
N ALA C 55 -24.58 12.62 2.91
CA ALA C 55 -25.26 12.82 4.19
C ALA C 55 -25.14 14.27 4.66
N LYS C 56 -24.03 14.97 4.31
CA LYS C 56 -23.78 16.39 4.64
C LYS C 56 -24.83 17.30 3.97
N GLN C 57 -25.29 16.90 2.76
CA GLN C 57 -26.31 17.58 1.96
C GLN C 57 -27.70 17.20 2.50
N ALA C 58 -27.85 15.94 2.97
CA ALA C 58 -29.08 15.40 3.56
C ALA C 58 -29.41 16.06 4.90
N LYS C 59 -28.38 16.58 5.61
CA LYS C 59 -28.46 17.32 6.89
C LYS C 59 -29.32 18.59 6.67
N VAL C 60 -29.02 19.32 5.58
CA VAL C 60 -29.69 20.55 5.15
C VAL C 60 -31.11 20.24 4.62
N LYS C 61 -31.25 19.14 3.85
CA LYS C 61 -32.52 18.67 3.26
C LYS C 61 -33.58 18.33 4.32
N LEU C 62 -33.14 17.77 5.47
CA LEU C 62 -34.03 17.43 6.60
C LEU C 62 -34.51 18.69 7.33
N GLU C 63 -33.57 19.65 7.58
CA GLU C 63 -33.82 20.93 8.25
C GLU C 63 -34.83 21.83 7.52
N ASN C 64 -34.86 21.74 6.17
CA ASN C 64 -35.76 22.48 5.29
C ASN C 64 -37.19 21.96 5.42
N MET D 6 37.39 -17.47 -16.39
CA MET D 6 37.07 -17.12 -15.01
C MET D 6 36.93 -15.60 -14.85
N GLY D 7 37.88 -14.84 -15.40
CA GLY D 7 37.90 -13.38 -15.35
C GLY D 7 36.71 -12.73 -16.02
N LYS D 8 36.32 -13.27 -17.20
CA LYS D 8 35.13 -12.82 -17.95
C LYS D 8 33.86 -13.10 -17.13
N GLU D 9 33.80 -14.28 -16.48
CA GLU D 9 32.67 -14.69 -15.64
C GLU D 9 32.53 -13.78 -14.42
N VAL D 10 33.66 -13.46 -13.74
CA VAL D 10 33.69 -12.57 -12.57
C VAL D 10 33.15 -11.20 -12.97
N GLY D 11 33.63 -10.64 -14.08
CA GLY D 11 33.19 -9.35 -14.60
C GLY D 11 31.67 -9.30 -14.79
N ASN D 12 31.11 -10.37 -15.37
CA ASN D 12 29.67 -10.47 -15.62
C ASN D 12 28.86 -10.58 -14.32
N LEU D 13 29.36 -11.38 -13.38
CA LEU D 13 28.74 -11.52 -12.06
C LEU D 13 28.76 -10.17 -11.34
N LEU D 14 29.88 -9.42 -11.39
CA LEU D 14 29.96 -8.10 -10.77
C LEU D 14 28.99 -7.12 -11.41
N LEU D 15 28.80 -7.19 -12.74
CA LEU D 15 27.84 -6.34 -13.44
C LEU D 15 26.40 -6.66 -12.98
N GLU D 16 26.06 -7.94 -12.99
CA GLU D 16 24.73 -8.41 -12.59
C GLU D 16 24.42 -8.10 -11.11
N ASN D 17 25.42 -8.26 -10.23
CA ASN D 17 25.30 -7.98 -8.80
C ASN D 17 25.00 -6.51 -8.60
N SER D 18 25.66 -5.60 -9.33
CA SER D 18 25.40 -4.17 -9.24
C SER D 18 24.01 -3.82 -9.72
N GLN D 19 23.59 -4.40 -10.87
CA GLN D 19 22.27 -4.16 -11.45
C GLN D 19 21.16 -4.58 -10.49
N LEU D 20 21.34 -5.80 -9.90
CA LEU D 20 20.43 -6.38 -8.92
C LEU D 20 20.34 -5.50 -7.69
N LEU D 21 21.48 -5.00 -7.20
CA LEU D 21 21.57 -4.12 -6.04
C LEU D 21 20.83 -2.80 -6.24
N GLU D 22 20.99 -2.18 -7.42
CA GLU D 22 20.30 -0.94 -7.78
C GLU D 22 18.77 -1.17 -7.69
N THR D 23 18.31 -2.29 -8.29
CA THR D 23 16.89 -2.66 -8.34
C THR D 23 16.36 -2.96 -6.95
N LYS D 24 17.15 -3.68 -6.12
CA LYS D 24 16.77 -4.06 -4.76
C LYS D 24 16.58 -2.82 -3.93
N ASN D 25 17.50 -1.85 -4.06
CA ASN D 25 17.40 -0.61 -3.30
C ASN D 25 16.24 0.27 -3.79
N ALA D 26 15.95 0.27 -5.10
CA ALA D 26 14.81 1.00 -5.65
C ALA D 26 13.51 0.40 -5.13
N LEU D 27 13.44 -0.95 -5.11
CA LEU D 27 12.26 -1.67 -4.63
C LEU D 27 12.04 -1.45 -3.13
N ASN D 28 13.14 -1.38 -2.37
CA ASN D 28 13.07 -1.12 -0.93
C ASN D 28 12.52 0.29 -0.66
N VAL D 29 12.96 1.29 -1.45
CA VAL D 29 12.51 2.68 -1.35
C VAL D 29 11.00 2.77 -1.59
N VAL D 30 10.50 2.09 -2.64
CA VAL D 30 9.09 2.12 -3.03
C VAL D 30 8.25 1.41 -1.99
N LYS D 31 8.73 0.27 -1.49
CA LYS D 31 8.03 -0.55 -0.47
C LYS D 31 7.82 0.25 0.80
N ASN D 32 8.84 1.04 1.20
CA ASN D 32 8.80 1.86 2.40
C ASN D 32 7.79 2.98 2.24
N ASP D 33 7.80 3.60 1.03
CA ASP D 33 6.91 4.69 0.67
C ASP D 33 5.46 4.20 0.59
N LEU D 34 5.27 2.97 0.08
CA LEU D 34 3.96 2.33 -0.04
C LEU D 34 3.38 1.98 1.32
N ILE D 35 4.23 1.57 2.29
CA ILE D 35 3.79 1.27 3.66
C ILE D 35 3.29 2.54 4.35
N ALA D 36 4.04 3.65 4.17
CA ALA D 36 3.72 4.95 4.75
C ALA D 36 2.42 5.49 4.17
N LYS D 37 2.13 5.21 2.87
CA LYS D 37 0.90 5.63 2.21
C LYS D 37 -0.29 4.79 2.69
N VAL D 38 -0.03 3.53 3.05
CA VAL D 38 -1.04 2.61 3.58
C VAL D 38 -1.40 3.04 5.01
N ASP D 39 -0.39 3.49 5.76
CA ASP D 39 -0.54 3.96 7.14
C ASP D 39 -1.28 5.28 7.18
N GLN D 40 -0.97 6.19 6.24
CA GLN D 40 -1.63 7.49 6.13
C GLN D 40 -3.09 7.29 5.74
N LEU D 41 -3.35 6.32 4.83
CA LEU D 41 -4.70 6.00 4.36
C LEU D 41 -5.56 5.32 5.41
N SER D 42 -5.01 4.33 6.13
CA SER D 42 -5.73 3.61 7.18
C SER D 42 -6.11 4.54 8.33
N GLY D 43 -5.25 5.51 8.62
CA GLY D 43 -5.48 6.53 9.63
C GLY D 43 -6.56 7.50 9.19
N GLU D 44 -6.51 7.91 7.89
CA GLU D 44 -7.47 8.80 7.25
C GLU D 44 -8.83 8.15 7.12
N GLN D 45 -8.87 6.82 6.89
CA GLN D 45 -10.13 6.10 6.78
C GLN D 45 -10.78 6.00 8.17
N GLU D 46 -9.97 5.86 9.26
CA GLU D 46 -10.44 5.80 10.66
C GLU D 46 -11.08 7.13 11.09
N VAL D 47 -10.56 8.26 10.54
CA VAL D 47 -11.04 9.63 10.75
C VAL D 47 -12.44 9.73 10.12
N LEU D 48 -12.54 9.44 8.81
CA LEU D 48 -13.77 9.41 7.99
C LEU D 48 -14.83 8.47 8.56
N LYS D 49 -14.42 7.29 9.11
CA LYS D 49 -15.33 6.34 9.74
C LYS D 49 -15.99 6.95 10.99
N GLY D 50 -15.23 7.81 11.68
CA GLY D 50 -15.70 8.55 12.85
C GLY D 50 -16.67 9.67 12.48
N GLU D 51 -16.36 10.40 11.37
CA GLU D 51 -17.18 11.48 10.81
C GLU D 51 -18.52 10.95 10.30
N LEU D 52 -18.51 9.79 9.63
CA LEU D 52 -19.71 9.13 9.11
C LEU D 52 -20.62 8.64 10.26
N GLU D 53 -20.05 8.04 11.34
CA GLU D 53 -20.83 7.55 12.49
C GLU D 53 -21.29 8.70 13.43
N ALA D 54 -20.70 9.90 13.27
CA ALA D 54 -21.08 11.12 14.00
C ALA D 54 -22.34 11.75 13.34
N ALA D 55 -22.37 11.73 11.99
CA ALA D 55 -23.48 12.23 11.18
C ALA D 55 -24.66 11.23 11.16
N LYS D 56 -24.36 9.90 11.30
CA LYS D 56 -25.35 8.81 11.35
C LYS D 56 -26.24 8.95 12.59
N GLN D 57 -25.65 9.47 13.70
CA GLN D 57 -26.31 9.75 14.98
C GLN D 57 -27.08 11.08 14.88
N ALA D 58 -26.53 12.06 14.12
CA ALA D 58 -27.12 13.37 13.85
C ALA D 58 -28.41 13.26 13.00
N LYS D 59 -28.51 12.18 12.17
CA LYS D 59 -29.66 11.83 11.32
C LYS D 59 -30.89 11.62 12.20
N VAL D 60 -30.71 10.85 13.31
CA VAL D 60 -31.72 10.50 14.30
C VAL D 60 -32.08 11.73 15.16
N LYS D 61 -31.05 12.54 15.52
CA LYS D 61 -31.20 13.76 16.33
C LYS D 61 -32.09 14.82 15.65
N LEU D 62 -32.01 14.92 14.30
CA LEU D 62 -32.80 15.86 13.49
C LEU D 62 -34.28 15.39 13.43
N GLU D 63 -34.49 14.07 13.19
CA GLU D 63 -35.80 13.42 13.08
C GLU D 63 -36.64 13.53 14.37
N ASN D 64 -35.96 13.55 15.53
CA ASN D 64 -36.58 13.69 16.87
C ASN D 64 -37.17 15.10 17.05
N ARG D 65 -36.63 16.10 16.30
CA ARG D 65 -37.10 17.47 16.30
C ARG D 65 -38.17 17.63 15.20
N ILE D 66 -37.79 17.35 13.92
CA ILE D 66 -38.67 17.40 12.75
C ILE D 66 -39.10 15.96 12.41
#